data_2PVC
#
_entry.id   2PVC
#
_cell.length_a   267.7
_cell.length_b   267.7
_cell.length_c   150.0
_cell.angle_alpha   90.00
_cell.angle_beta   90.00
_cell.angle_gamma   120.00
#
_symmetry.space_group_name_H-M   'P 61 2 2'
#
loop_
_entity.id
_entity.type
_entity.pdbx_description
1 polymer 'DNA (cytosine-5)-methyltransferase 3-like'
2 polymer 'Histone H3 peptide'
3 non-polymer 'ZINC ION'
#
loop_
_entity_poly.entity_id
_entity_poly.type
_entity_poly.pdbx_seq_one_letter_code
_entity_poly.pdbx_strand_id
1 'polypeptide(L)'
;MAAIPALDPEAEPSMDVILVGSSELSSSVSPGTGRDLIAYEVKANQRNIEDICICCGSLQVHTQHPLFEGGICAPCKDKF
LDALFLYDDDGYQSYCSICCSGETLLICGNPDCTRCYCFECVDSLVGPGTSGKVHAMSNWVCYLCLPSSRSGLLQRRRKW
RSQLKAFYDRESENPLEMFETVPVWRRQPVRVLSLFEDIKKELTSLGFLESGSDPGQLKHVVDVTDTVRKDVEEWGPFDL
VYGATPPLGHTCDRPPSWYLFQFHRLLQYARPKPGSPGPFFWMFVDNLVLNKEDLDVASRFLEMEPVTIPDVHGGSLQNA
VRVWSNIPAIRSRHWALVSEEELSLLAQNKQSSKLAAKWPTKLVKNCFLPLREYFKYFSTELTSSL
;
B,A,C
2 'polypeptide(L)' ARTKQTA D,E,F
#
loop_
_chem_comp.id
_chem_comp.type
_chem_comp.name
_chem_comp.formula
ZN non-polymer 'ZINC ION' 'Zn 2'
#
# COMPACT_ATOMS: atom_id res chain seq x y z
N GLY A 34 63.86 23.01 -27.99
CA GLY A 34 63.43 24.46 -28.02
C GLY A 34 63.52 25.17 -26.67
N ARG A 35 63.90 24.38 -25.66
CA ARG A 35 64.06 24.84 -24.29
C ARG A 35 64.94 26.08 -24.12
N ASP A 36 66.00 26.16 -24.90
CA ASP A 36 66.87 27.32 -24.78
C ASP A 36 66.18 28.57 -25.27
N LEU A 37 65.18 28.39 -26.13
CA LEU A 37 64.45 29.52 -26.70
C LEU A 37 63.30 29.99 -25.85
N ILE A 38 62.69 29.06 -25.14
CA ILE A 38 61.55 29.41 -24.33
C ILE A 38 61.72 30.69 -23.49
N ALA A 39 62.81 30.80 -22.74
CA ALA A 39 63.01 31.98 -21.91
C ALA A 39 63.04 33.30 -22.66
N TYR A 40 63.45 33.23 -23.92
CA TYR A 40 63.51 34.44 -24.74
C TYR A 40 62.07 34.81 -25.02
N GLU A 41 61.39 33.91 -25.74
CA GLU A 41 60.01 34.06 -26.14
C GLU A 41 59.21 34.81 -25.11
N VAL A 42 59.37 34.44 -23.84
CA VAL A 42 58.64 35.06 -22.75
C VAL A 42 59.04 36.46 -22.35
N LYS A 43 60.33 36.75 -22.38
CA LYS A 43 60.83 38.09 -22.00
C LYS A 43 61.06 39.00 -23.22
N ALA A 44 61.08 38.37 -24.40
CA ALA A 44 61.27 39.06 -25.68
C ALA A 44 59.97 39.16 -26.45
N ASN A 45 59.56 38.08 -27.12
CA ASN A 45 58.31 38.06 -27.88
C ASN A 45 57.08 38.22 -26.97
N GLN A 46 57.36 38.51 -25.70
CA GLN A 46 56.34 38.70 -24.65
C GLN A 46 55.16 37.74 -24.67
N ARG A 47 55.41 36.45 -24.91
CA ARG A 47 54.35 35.46 -24.90
C ARG A 47 53.93 35.23 -23.44
N ASN A 48 53.05 34.26 -23.24
CA ASN A 48 52.56 33.91 -21.91
C ASN A 48 52.87 32.43 -21.76
N ILE A 49 53.86 32.10 -20.94
CA ILE A 49 54.28 30.71 -20.72
C ILE A 49 53.24 29.73 -21.18
N GLU A 50 52.01 29.97 -20.74
CA GLU A 50 50.84 29.17 -21.05
C GLU A 50 50.72 28.90 -22.54
N ASP A 51 51.61 29.49 -23.33
CA ASP A 51 51.56 29.33 -24.77
C ASP A 51 52.75 28.55 -25.31
N ILE A 52 53.63 28.11 -24.43
CA ILE A 52 54.79 27.34 -24.87
C ILE A 52 54.83 26.06 -24.07
N CYS A 53 54.94 24.92 -24.74
CA CYS A 53 55.03 23.68 -24.00
C CYS A 53 56.25 23.70 -23.07
N ILE A 54 56.11 24.12 -21.82
CA ILE A 54 57.30 24.17 -20.95
C ILE A 54 58.08 22.88 -20.91
N CYS A 55 57.53 21.82 -21.49
CA CYS A 55 58.25 20.56 -21.54
C CYS A 55 59.32 20.61 -22.63
N CYS A 56 58.88 20.69 -23.88
CA CYS A 56 59.80 20.74 -25.02
C CYS A 56 59.76 22.10 -25.73
N GLY A 57 59.48 23.16 -24.97
CA GLY A 57 59.42 24.51 -25.51
C GLY A 57 58.72 24.76 -26.84
N SER A 58 57.77 23.90 -27.22
CA SER A 58 57.05 24.06 -28.50
C SER A 58 56.00 25.18 -28.49
N LEU A 59 55.45 25.49 -29.66
CA LEU A 59 54.43 26.53 -29.73
C LEU A 59 53.05 25.97 -30.03
N GLN A 60 53.01 24.70 -30.45
CA GLN A 60 51.75 24.04 -30.73
C GLN A 60 51.19 23.35 -29.48
N VAL A 61 50.60 24.17 -28.60
CA VAL A 61 50.03 23.71 -27.34
C VAL A 61 48.74 22.92 -27.48
N HIS A 62 48.46 22.11 -26.46
CA HIS A 62 47.25 21.28 -26.42
C HIS A 62 46.34 21.82 -25.34
N THR A 63 46.73 21.56 -24.09
CA THR A 63 45.99 22.01 -22.91
C THR A 63 47.03 22.26 -21.84
N GLN A 64 46.89 23.35 -21.10
CA GLN A 64 47.87 23.69 -20.08
C GLN A 64 48.45 22.59 -19.18
N HIS A 65 49.64 22.89 -18.65
CA HIS A 65 50.39 21.99 -17.78
C HIS A 65 49.85 21.97 -16.35
N PRO A 66 49.63 20.77 -15.83
CA PRO A 66 49.14 20.50 -14.49
C PRO A 66 49.91 21.26 -13.45
N LEU A 67 51.03 20.68 -13.02
CA LEU A 67 51.87 21.21 -11.96
C LEU A 67 52.43 22.63 -12.02
N PHE A 68 53.12 22.98 -13.09
CA PHE A 68 53.65 24.33 -13.15
C PHE A 68 53.00 25.16 -14.23
N GLU A 69 53.03 26.48 -14.03
CA GLU A 69 52.45 27.44 -14.95
C GLU A 69 53.03 27.29 -16.35
N GLY A 70 52.17 27.01 -17.34
CA GLY A 70 52.62 26.84 -18.71
C GLY A 70 51.82 25.79 -19.46
N GLY A 71 51.98 25.68 -20.79
CA GLY A 71 51.21 24.73 -21.59
C GLY A 71 51.85 23.37 -21.84
N ILE A 72 51.26 22.56 -22.73
CA ILE A 72 51.80 21.22 -23.05
C ILE A 72 51.49 20.83 -24.49
N CYS A 73 52.46 20.25 -25.18
CA CYS A 73 52.24 19.83 -26.56
C CYS A 73 51.66 18.43 -26.52
N ALA A 74 51.02 18.02 -27.62
CA ALA A 74 50.44 16.70 -27.68
C ALA A 74 51.48 15.63 -27.35
N PRO A 75 52.42 15.38 -28.28
CA PRO A 75 53.43 14.36 -28.03
C PRO A 75 53.95 14.33 -26.60
N CYS A 76 54.10 15.51 -26.01
CA CYS A 76 54.63 15.63 -24.64
C CYS A 76 53.62 15.18 -23.59
N LYS A 77 52.36 15.58 -23.76
CA LYS A 77 51.32 15.19 -22.82
C LYS A 77 51.13 13.68 -22.77
N ASP A 78 50.89 13.06 -23.91
CA ASP A 78 50.70 11.62 -23.95
C ASP A 78 51.74 10.90 -23.09
N LYS A 79 52.90 11.51 -22.91
CA LYS A 79 53.96 10.91 -22.10
C LYS A 79 53.76 11.23 -20.63
N PHE A 80 53.31 12.45 -20.35
CA PHE A 80 53.06 12.88 -18.98
C PHE A 80 52.16 11.81 -18.38
N LEU A 81 51.12 11.46 -19.13
CA LEU A 81 50.19 10.44 -18.70
C LEU A 81 50.91 9.11 -18.57
N ASP A 82 51.51 8.69 -19.69
CA ASP A 82 52.22 7.43 -19.80
C ASP A 82 53.06 7.06 -18.56
N ALA A 83 53.31 8.05 -17.70
CA ALA A 83 54.09 7.78 -16.49
C ALA A 83 53.67 8.69 -15.36
N LEU A 84 52.51 8.44 -14.76
CA LEU A 84 52.03 9.27 -13.68
C LEU A 84 52.45 8.88 -12.28
N PHE A 85 52.30 7.60 -11.94
CA PHE A 85 52.71 7.15 -10.61
C PHE A 85 53.73 6.03 -10.75
N LEU A 86 54.69 6.23 -11.65
CA LEU A 86 55.69 5.21 -11.92
C LEU A 86 56.86 5.39 -10.95
N TYR A 87 56.98 4.48 -9.98
CA TYR A 87 58.05 4.56 -9.00
C TYR A 87 59.10 3.50 -9.22
N ASP A 88 60.16 3.51 -8.42
CA ASP A 88 61.26 2.56 -8.55
C ASP A 88 61.77 2.03 -7.21
N ASP A 89 62.36 0.84 -7.24
CA ASP A 89 62.90 0.19 -6.04
C ASP A 89 63.46 1.16 -5.01
N ASP A 90 64.08 2.22 -5.49
CA ASP A 90 64.67 3.21 -4.60
C ASP A 90 63.61 3.87 -3.75
N GLY A 91 62.40 3.99 -4.30
CA GLY A 91 61.32 4.60 -3.56
C GLY A 91 60.91 5.98 -4.03
N TYR A 92 61.58 6.49 -5.06
CA TYR A 92 61.24 7.80 -5.58
C TYR A 92 60.55 7.69 -6.91
N GLN A 93 59.91 8.78 -7.35
CA GLN A 93 59.22 8.76 -8.63
C GLN A 93 60.28 8.45 -9.67
N SER A 94 59.84 7.99 -10.84
CA SER A 94 60.79 7.63 -11.88
C SER A 94 61.20 8.74 -12.82
N TYR A 95 60.27 9.51 -13.34
CA TYR A 95 60.64 10.58 -14.26
C TYR A 95 60.50 12.02 -13.80
N CYS A 96 61.13 12.92 -14.54
CA CYS A 96 61.10 14.34 -14.23
C CYS A 96 59.67 14.76 -13.91
N SER A 97 59.52 15.46 -12.79
CA SER A 97 58.21 15.94 -12.36
C SER A 97 57.54 16.78 -13.42
N ILE A 98 58.33 17.54 -14.18
CA ILE A 98 57.84 18.44 -15.23
C ILE A 98 57.87 17.92 -16.67
N CYS A 99 59.00 17.35 -17.08
CA CYS A 99 59.16 16.89 -18.45
C CYS A 99 59.08 15.40 -18.75
N CYS A 100 59.15 14.55 -17.72
CA CYS A 100 59.12 13.10 -17.92
C CYS A 100 60.37 12.57 -18.60
N SER A 101 61.47 13.29 -18.45
CA SER A 101 62.74 12.86 -19.03
C SER A 101 63.23 11.63 -18.29
N GLY A 102 63.94 10.76 -18.99
CA GLY A 102 64.46 9.56 -18.37
C GLY A 102 65.88 9.75 -17.86
N GLU A 103 66.46 10.90 -18.17
CA GLU A 103 67.83 11.24 -17.77
C GLU A 103 68.03 11.27 -16.27
N THR A 104 69.14 11.84 -15.84
CA THR A 104 69.47 11.94 -14.42
C THR A 104 68.54 12.98 -13.80
N LEU A 105 68.17 12.80 -12.54
CA LEU A 105 67.25 13.72 -11.90
C LEU A 105 67.64 14.16 -10.51
N LEU A 106 67.42 15.45 -10.21
CA LEU A 106 67.70 15.99 -8.88
C LEU A 106 66.49 15.59 -8.04
N ILE A 107 66.75 14.99 -6.88
CA ILE A 107 65.69 14.52 -5.98
C ILE A 107 65.39 15.50 -4.87
N CYS A 108 64.21 15.41 -4.29
CA CYS A 108 63.88 16.33 -3.23
C CYS A 108 64.65 15.96 -2.00
N GLY A 109 64.78 16.91 -1.08
CA GLY A 109 65.54 16.63 0.14
C GLY A 109 64.62 16.34 1.30
N ASN A 110 63.32 16.49 1.03
CA ASN A 110 62.28 16.26 1.99
C ASN A 110 61.90 14.78 1.97
N PRO A 111 61.42 14.26 3.09
CA PRO A 111 61.06 12.84 3.12
C PRO A 111 59.59 12.64 2.74
N ASP A 112 58.84 13.72 2.79
CA ASP A 112 57.43 13.67 2.45
C ASP A 112 57.31 13.61 0.93
N CYS A 113 58.31 14.16 0.25
CA CYS A 113 58.32 14.22 -1.21
C CYS A 113 59.01 13.06 -1.87
N THR A 114 58.57 12.73 -3.09
CA THR A 114 59.17 11.63 -3.84
C THR A 114 59.53 12.12 -5.22
N ARG A 115 59.08 13.32 -5.53
CA ARG A 115 59.30 13.94 -6.82
C ARG A 115 60.78 14.18 -7.12
N CYS A 116 61.10 14.09 -8.41
CA CYS A 116 62.45 14.28 -8.93
C CYS A 116 62.45 15.25 -10.09
N TYR A 117 63.45 16.10 -10.12
CA TYR A 117 63.55 17.11 -11.14
C TYR A 117 64.74 17.03 -12.10
N CYS A 118 64.36 17.02 -13.36
CA CYS A 118 65.26 16.93 -14.49
C CYS A 118 66.21 18.11 -14.68
N PHE A 119 67.49 17.75 -14.77
CA PHE A 119 68.61 18.67 -14.96
C PHE A 119 68.34 19.84 -15.89
N GLU A 120 68.00 19.53 -17.13
CA GLU A 120 67.73 20.54 -18.14
C GLU A 120 66.52 21.40 -17.79
N CYS A 121 65.43 20.73 -17.40
CA CYS A 121 64.17 21.36 -17.02
C CYS A 121 64.44 22.51 -16.08
N VAL A 122 65.13 22.21 -14.99
CA VAL A 122 65.45 23.22 -14.02
C VAL A 122 66.07 24.40 -14.73
N ASP A 123 67.28 24.15 -15.25
CA ASP A 123 68.08 25.15 -15.94
C ASP A 123 67.35 25.94 -16.99
N SER A 124 66.61 25.24 -17.86
CA SER A 124 65.87 25.88 -18.94
C SER A 124 64.71 26.78 -18.52
N LEU A 125 64.12 26.52 -17.35
CA LEU A 125 62.99 27.30 -16.88
C LEU A 125 63.27 28.15 -15.65
N VAL A 126 64.09 27.65 -14.74
CA VAL A 126 64.40 28.37 -13.50
C VAL A 126 65.38 29.54 -13.70
N GLY A 127 66.37 29.28 -14.52
CA GLY A 127 67.39 30.27 -14.78
C GLY A 127 68.57 29.42 -15.19
N PRO A 128 69.63 30.00 -15.81
CA PRO A 128 70.80 29.24 -16.22
C PRO A 128 71.71 29.01 -15.04
N GLY A 129 72.31 27.83 -15.03
CA GLY A 129 73.23 27.45 -13.98
C GLY A 129 72.55 27.31 -12.65
N THR A 130 71.52 26.48 -12.63
CA THR A 130 70.79 26.25 -11.40
C THR A 130 70.99 24.80 -11.08
N SER A 131 70.92 23.95 -12.09
CA SER A 131 71.12 22.54 -11.82
C SER A 131 72.51 22.42 -11.19
N GLY A 132 73.35 23.40 -11.45
CA GLY A 132 74.65 23.37 -10.85
C GLY A 132 74.39 23.64 -9.38
N LYS A 133 74.00 24.87 -9.09
CA LYS A 133 73.71 25.29 -7.72
C LYS A 133 72.98 24.24 -6.93
N VAL A 134 72.00 23.58 -7.55
CA VAL A 134 71.22 22.56 -6.87
C VAL A 134 72.03 21.31 -6.57
N HIS A 135 72.62 20.71 -7.59
CA HIS A 135 73.43 19.52 -7.34
C HIS A 135 74.47 19.87 -6.28
N ALA A 136 74.62 21.16 -6.05
CA ALA A 136 75.56 21.64 -5.07
C ALA A 136 74.95 21.55 -3.68
N MET A 137 73.79 22.21 -3.52
CA MET A 137 73.07 22.24 -2.25
C MET A 137 72.97 20.88 -1.57
N SER A 138 72.91 20.90 -0.24
CA SER A 138 72.81 19.66 0.52
C SER A 138 71.40 19.36 0.99
N ASN A 139 70.68 20.39 1.40
CA ASN A 139 69.31 20.21 1.85
C ASN A 139 68.36 20.95 0.92
N TRP A 140 67.95 20.27 -0.15
CA TRP A 140 67.08 20.87 -1.15
C TRP A 140 65.60 20.53 -1.04
N VAL A 141 64.77 21.49 -1.39
CA VAL A 141 63.34 21.32 -1.35
C VAL A 141 62.79 21.72 -2.71
N CYS A 142 62.23 20.75 -3.43
CA CYS A 142 61.70 20.98 -4.76
C CYS A 142 60.88 22.26 -4.94
N TYR A 143 60.20 22.39 -6.06
CA TYR A 143 59.41 23.59 -6.29
C TYR A 143 58.03 23.38 -5.73
N LEU A 144 57.61 22.12 -5.75
CA LEU A 144 56.31 21.78 -5.21
C LEU A 144 56.54 21.51 -3.72
N CYS A 145 57.41 22.29 -3.09
CA CYS A 145 57.72 22.09 -1.68
C CYS A 145 58.09 23.34 -0.92
N LEU A 146 58.44 24.39 -1.63
CA LEU A 146 58.85 25.58 -0.94
C LEU A 146 57.80 26.67 -0.82
N PRO A 147 58.01 27.60 0.13
CA PRO A 147 57.16 28.75 0.43
C PRO A 147 56.91 29.62 -0.79
N SER A 148 57.98 30.25 -1.27
CA SER A 148 57.89 31.11 -2.43
C SER A 148 57.28 30.34 -3.60
N SER A 149 56.25 30.92 -4.20
CA SER A 149 55.55 30.30 -5.32
C SER A 149 56.37 30.28 -6.59
N ARG A 150 57.11 31.37 -6.82
CA ARG A 150 57.91 31.50 -8.02
C ARG A 150 59.42 31.51 -7.88
N SER A 151 60.06 30.83 -8.83
CA SER A 151 61.50 30.73 -8.94
C SER A 151 61.78 30.79 -10.43
N GLY A 152 62.40 31.86 -10.90
CA GLY A 152 62.65 31.93 -12.32
C GLY A 152 61.36 32.04 -13.09
N LEU A 153 61.11 31.12 -14.02
CA LEU A 153 59.87 31.13 -14.81
C LEU A 153 58.96 30.00 -14.36
N LEU A 154 59.50 29.17 -13.47
CA LEU A 154 58.79 28.05 -12.93
C LEU A 154 57.77 28.62 -11.99
N GLN A 155 56.50 28.38 -12.28
CA GLN A 155 55.42 28.87 -11.45
C GLN A 155 54.50 27.74 -11.02
N ARG A 156 54.58 27.38 -9.75
CA ARG A 156 53.75 26.31 -9.21
C ARG A 156 52.31 26.80 -9.16
N ARG A 157 51.44 26.18 -9.95
CA ARG A 157 50.02 26.54 -10.03
C ARG A 157 49.41 26.75 -8.67
N ARG A 158 48.34 27.53 -8.62
CA ARG A 158 47.66 27.75 -7.35
C ARG A 158 46.83 26.49 -7.15
N LYS A 159 47.13 25.73 -6.10
CA LYS A 159 46.41 24.49 -5.80
C LYS A 159 46.38 23.58 -7.03
N TRP A 160 47.51 22.90 -7.25
CA TRP A 160 47.68 22.02 -8.39
C TRP A 160 47.09 20.65 -8.19
N ARG A 161 47.54 19.98 -7.15
CA ARG A 161 47.11 18.63 -6.85
C ARG A 161 45.79 18.25 -7.50
N SER A 162 44.80 19.13 -7.36
CA SER A 162 43.48 18.89 -7.93
C SER A 162 43.52 19.00 -9.44
N GLN A 163 44.08 20.10 -9.91
CA GLN A 163 44.20 20.33 -11.34
C GLN A 163 44.90 19.15 -12.00
N LEU A 164 45.78 18.48 -11.26
CA LEU A 164 46.49 17.35 -11.83
C LEU A 164 45.46 16.30 -12.20
N LYS A 165 44.90 15.61 -11.21
CA LYS A 165 43.88 14.59 -11.47
C LYS A 165 42.94 15.10 -12.53
N ALA A 166 42.42 16.30 -12.27
CA ALA A 166 41.48 17.00 -13.15
C ALA A 166 41.91 16.88 -14.61
N PHE A 167 43.22 16.91 -14.78
CA PHE A 167 43.86 16.77 -16.06
C PHE A 167 43.64 15.31 -16.44
N TYR A 168 44.19 14.40 -15.64
CA TYR A 168 44.05 12.97 -15.90
C TYR A 168 42.74 12.66 -16.58
N ASP A 169 41.66 12.86 -15.83
CA ASP A 169 40.32 12.61 -16.34
C ASP A 169 40.17 13.19 -17.75
N ARG A 170 39.99 14.50 -17.81
CA ARG A 170 39.82 15.20 -19.07
C ARG A 170 40.70 14.71 -20.20
N GLU A 171 41.98 14.49 -19.93
CA GLU A 171 42.93 14.10 -20.96
C GLU A 171 43.21 12.67 -21.36
N SER A 172 42.91 11.68 -20.51
CA SER A 172 43.19 10.30 -20.92
C SER A 172 42.04 9.80 -21.78
N GLU A 173 42.17 8.60 -22.37
CA GLU A 173 41.08 8.10 -23.23
C GLU A 173 40.19 6.98 -22.68
N ASN A 174 40.46 6.57 -21.45
CA ASN A 174 39.65 5.54 -20.78
C ASN A 174 39.94 5.74 -19.30
N PRO A 175 39.77 6.97 -18.80
CA PRO A 175 40.01 7.37 -17.42
C PRO A 175 39.65 6.26 -16.44
N LEU A 176 40.38 6.16 -15.33
CA LEU A 176 40.04 5.16 -14.34
C LEU A 176 39.82 5.83 -13.00
N GLU A 177 39.70 5.04 -11.96
CA GLU A 177 39.49 5.63 -10.65
C GLU A 177 40.65 6.55 -10.30
N MET A 178 40.44 7.85 -10.38
CA MET A 178 41.51 8.77 -10.07
C MET A 178 41.18 9.67 -8.90
N PHE A 179 41.83 9.39 -7.77
CA PHE A 179 41.62 10.13 -6.55
C PHE A 179 42.54 11.32 -6.41
N GLU A 180 41.98 12.48 -6.08
CA GLU A 180 42.81 13.67 -5.88
C GLU A 180 43.89 13.32 -4.86
N THR A 181 45.07 13.93 -4.99
CA THR A 181 46.16 13.64 -4.07
C THR A 181 46.03 14.46 -2.82
N VAL A 182 47.00 14.32 -1.91
CA VAL A 182 46.94 15.02 -0.64
C VAL A 182 48.14 15.78 -0.14
N PRO A 183 47.95 17.06 0.18
CA PRO A 183 49.07 17.88 0.69
C PRO A 183 49.67 17.23 1.91
N VAL A 184 50.98 17.32 2.02
CA VAL A 184 51.73 16.73 3.13
C VAL A 184 51.16 16.97 4.52
N TRP A 185 50.47 18.08 4.73
CA TRP A 185 49.94 18.37 6.06
C TRP A 185 48.60 17.72 6.38
N ARG A 186 47.82 17.40 5.36
CA ARG A 186 46.53 16.78 5.60
C ARG A 186 46.60 15.25 5.43
N ARG A 187 47.71 14.63 5.78
CA ARG A 187 47.80 13.19 5.56
C ARG A 187 47.70 12.29 6.77
N GLN A 188 46.49 12.10 7.25
CA GLN A 188 46.25 11.24 8.40
C GLN A 188 46.87 9.87 8.11
N PRO A 189 47.04 9.03 9.14
CA PRO A 189 47.64 7.70 8.94
C PRO A 189 46.74 6.77 8.15
N VAL A 190 47.31 5.69 7.62
CA VAL A 190 46.51 4.74 6.84
C VAL A 190 45.82 3.73 7.75
N ARG A 191 44.57 3.44 7.42
CA ARG A 191 43.78 2.49 8.17
C ARG A 191 43.55 1.31 7.24
N VAL A 192 44.12 0.17 7.60
CA VAL A 192 44.05 -1.01 6.76
C VAL A 192 43.37 -2.26 7.33
N LEU A 193 42.76 -3.02 6.44
CA LEU A 193 42.09 -4.27 6.77
C LEU A 193 42.64 -5.28 5.81
N SER A 194 43.18 -6.40 6.29
CA SER A 194 43.70 -7.40 5.37
C SER A 194 43.13 -8.76 5.69
N LEU A 195 42.59 -9.40 4.65
CA LEU A 195 41.96 -10.71 4.79
C LEU A 195 42.86 -11.83 4.35
N PHE A 196 42.86 -12.88 5.16
CA PHE A 196 43.62 -14.07 4.90
C PHE A 196 45.12 -13.83 5.02
N GLU A 197 45.60 -12.69 4.53
CA GLU A 197 47.04 -12.44 4.60
C GLU A 197 47.52 -11.20 5.36
N ASP A 198 48.46 -11.40 6.28
CA ASP A 198 48.99 -10.31 7.10
C ASP A 198 50.00 -9.43 6.37
N ILE A 199 49.59 -8.20 6.06
CA ILE A 199 50.48 -7.28 5.35
C ILE A 199 51.47 -6.60 6.29
N LYS A 200 50.96 -6.11 7.42
CA LYS A 200 51.75 -5.42 8.46
C LYS A 200 53.21 -5.30 8.09
N LYS A 201 53.94 -6.40 8.24
CA LYS A 201 55.36 -6.45 7.94
C LYS A 201 55.77 -5.58 6.76
N GLU A 202 55.01 -5.64 5.66
CA GLU A 202 55.33 -4.87 4.45
C GLU A 202 55.04 -3.38 4.53
N LEU A 203 53.77 -3.04 4.73
CA LEU A 203 53.40 -1.63 4.84
C LEU A 203 54.26 -0.98 5.92
N THR A 204 54.73 -1.80 6.85
CA THR A 204 55.60 -1.31 7.90
C THR A 204 56.89 -0.85 7.25
N SER A 205 57.54 -1.77 6.54
CA SER A 205 58.81 -1.51 5.85
C SER A 205 58.68 -0.44 4.77
N LEU A 206 57.45 -0.17 4.37
CA LEU A 206 57.18 0.82 3.35
C LEU A 206 57.06 2.22 3.95
N GLY A 207 56.93 2.30 5.27
CA GLY A 207 56.81 3.59 5.92
C GLY A 207 55.38 4.07 6.10
N PHE A 208 54.43 3.12 6.08
CA PHE A 208 53.01 3.44 6.22
C PHE A 208 52.47 3.30 7.63
N LEU A 209 53.11 2.47 8.45
CA LEU A 209 52.66 2.24 9.83
C LEU A 209 53.62 2.76 10.89
N GLU A 210 53.06 3.27 11.98
CA GLU A 210 53.88 3.78 13.08
C GLU A 210 54.68 2.60 13.64
N SER A 211 55.34 2.82 14.77
CA SER A 211 56.10 1.77 15.41
C SER A 211 55.27 1.20 16.56
N GLY A 212 54.27 1.99 16.99
CA GLY A 212 53.37 1.56 18.06
C GLY A 212 52.44 0.48 17.56
N SER A 213 52.71 -0.75 18.00
CA SER A 213 51.93 -1.93 17.59
C SER A 213 50.62 -2.17 18.35
N ASP A 214 50.01 -1.11 18.88
CA ASP A 214 48.74 -1.22 19.61
C ASP A 214 47.60 -0.54 18.83
N PRO A 215 47.56 0.81 18.77
CA PRO A 215 46.44 1.38 18.00
C PRO A 215 46.64 1.03 16.52
N GLY A 216 47.73 0.29 16.24
CA GLY A 216 48.08 -0.13 14.89
C GLY A 216 46.87 -0.26 14.00
N GLN A 217 46.69 0.74 13.15
CA GLN A 217 45.55 0.79 12.24
C GLN A 217 45.41 -0.37 11.27
N LEU A 218 45.87 -1.55 11.67
CA LEU A 218 45.73 -2.70 10.81
C LEU A 218 45.00 -3.83 11.50
N LYS A 219 43.92 -4.28 10.87
CA LYS A 219 43.14 -5.37 11.41
C LYS A 219 43.31 -6.56 10.48
N HIS A 220 43.69 -7.69 11.06
CA HIS A 220 43.83 -8.90 10.27
C HIS A 220 42.76 -9.88 10.72
N VAL A 221 42.18 -10.58 9.77
CA VAL A 221 41.15 -11.55 10.10
C VAL A 221 41.24 -12.70 9.13
N VAL A 222 41.42 -13.92 9.65
CA VAL A 222 41.54 -15.08 8.80
C VAL A 222 40.19 -15.67 8.45
N ASP A 223 39.37 -15.94 9.46
CA ASP A 223 38.05 -16.50 9.19
C ASP A 223 36.98 -15.43 9.27
N VAL A 224 36.19 -15.34 8.21
CA VAL A 224 35.13 -14.35 8.12
C VAL A 224 33.84 -14.98 7.64
N THR A 225 33.82 -16.30 7.56
CA THR A 225 32.64 -17.00 7.06
C THR A 225 31.35 -16.65 7.81
N ASP A 226 31.49 -16.13 9.02
CA ASP A 226 30.34 -15.74 9.83
C ASP A 226 30.34 -14.23 10.09
N THR A 227 31.04 -13.47 9.25
CA THR A 227 31.10 -12.02 9.45
C THR A 227 30.01 -11.26 8.71
N VAL A 228 29.42 -10.30 9.41
CA VAL A 228 28.34 -9.50 8.86
C VAL A 228 28.68 -8.05 8.72
N ARG A 229 28.13 -7.45 7.68
CA ARG A 229 28.35 -6.05 7.39
C ARG A 229 28.48 -5.22 8.67
N LYS A 230 27.71 -5.56 9.69
CA LYS A 230 27.77 -4.79 10.92
C LYS A 230 29.16 -4.85 11.55
N ASP A 231 29.79 -6.01 11.52
CA ASP A 231 31.11 -6.14 12.08
C ASP A 231 32.01 -5.13 11.43
N VAL A 232 32.36 -5.42 10.17
CA VAL A 232 33.21 -4.57 9.35
C VAL A 232 33.03 -3.07 9.66
N GLU A 233 31.78 -2.63 9.75
CA GLU A 233 31.50 -1.23 10.05
C GLU A 233 32.09 -0.82 11.40
N GLU A 234 31.82 -1.62 12.44
CA GLU A 234 32.29 -1.34 13.78
C GLU A 234 33.80 -1.45 13.85
N TRP A 235 34.33 -2.36 13.05
CA TRP A 235 35.76 -2.60 12.99
C TRP A 235 36.61 -1.36 12.74
N GLY A 236 35.97 -0.19 12.80
CA GLY A 236 36.64 1.07 12.56
C GLY A 236 36.63 1.29 11.06
N PRO A 237 36.40 2.52 10.58
CA PRO A 237 36.37 2.79 9.13
C PRO A 237 37.73 2.54 8.44
N PHE A 238 37.68 2.09 7.19
CA PHE A 238 38.89 1.75 6.45
C PHE A 238 39.35 2.61 5.27
N ASP A 239 40.64 2.52 4.99
CA ASP A 239 41.27 3.26 3.89
C ASP A 239 41.74 2.29 2.82
N LEU A 240 42.25 1.15 3.27
CA LEU A 240 42.74 0.12 2.36
C LEU A 240 42.34 -1.30 2.75
N VAL A 241 41.73 -2.02 1.83
CA VAL A 241 41.37 -3.40 2.10
C VAL A 241 42.17 -4.30 1.20
N TYR A 242 43.07 -5.06 1.80
CA TYR A 242 43.91 -5.96 1.04
C TYR A 242 43.40 -7.35 1.27
N GLY A 243 43.89 -8.29 0.50
CA GLY A 243 43.46 -9.66 0.69
C GLY A 243 43.99 -10.53 -0.42
N ALA A 244 44.21 -11.80 -0.12
CA ALA A 244 44.71 -12.68 -1.14
C ALA A 244 44.58 -14.16 -0.85
N THR A 245 44.48 -14.93 -1.93
CA THR A 245 44.35 -16.38 -1.89
C THR A 245 45.52 -17.03 -1.16
N PRO A 246 45.32 -18.23 -0.60
CA PRO A 246 46.42 -18.90 0.10
C PRO A 246 47.38 -19.41 -0.98
N PRO A 247 48.66 -19.60 -0.63
CA PRO A 247 49.73 -20.06 -1.53
C PRO A 247 49.66 -21.53 -1.98
N LEU A 248 50.66 -21.91 -2.79
CA LEU A 248 50.77 -23.27 -3.33
C LEU A 248 50.90 -24.32 -2.23
N GLY A 249 51.63 -23.98 -1.17
CA GLY A 249 51.81 -24.90 -0.06
C GLY A 249 50.53 -25.02 0.74
N HIS A 250 49.43 -25.26 0.03
CA HIS A 250 48.09 -25.41 0.60
C HIS A 250 48.09 -25.92 2.03
N THR A 251 47.71 -25.05 2.96
CA THR A 251 47.63 -25.39 4.37
C THR A 251 46.16 -25.37 4.80
N CYS A 252 45.38 -24.49 4.18
CA CYS A 252 43.95 -24.36 4.47
C CYS A 252 43.08 -24.84 3.30
N ASP A 253 42.21 -25.82 3.60
CA ASP A 253 41.30 -26.42 2.62
C ASP A 253 40.00 -25.64 2.43
N ARG A 254 39.99 -24.79 1.41
CA ARG A 254 38.82 -23.98 1.09
C ARG A 254 38.98 -23.62 -0.39
N PRO A 255 38.09 -24.15 -1.24
CA PRO A 255 38.16 -23.87 -2.68
C PRO A 255 38.60 -22.43 -2.94
N PRO A 256 39.71 -22.26 -3.68
CA PRO A 256 40.27 -20.95 -4.01
C PRO A 256 39.17 -19.92 -4.23
N SER A 257 38.36 -20.17 -5.25
CA SER A 257 37.25 -19.31 -5.64
C SER A 257 36.50 -18.74 -4.44
N TRP A 258 36.57 -19.44 -3.32
CA TRP A 258 35.89 -18.99 -2.11
C TRP A 258 36.42 -17.62 -1.80
N TYR A 259 37.69 -17.57 -1.42
CA TYR A 259 38.36 -16.34 -1.07
C TYR A 259 37.98 -15.17 -1.97
N LEU A 260 38.04 -15.40 -3.28
CA LEU A 260 37.68 -14.37 -4.22
C LEU A 260 36.34 -13.78 -3.82
N PHE A 261 35.41 -14.69 -3.55
CA PHE A 261 34.05 -14.34 -3.16
C PHE A 261 33.88 -13.63 -1.84
N GLN A 262 34.39 -14.24 -0.78
CA GLN A 262 34.28 -13.59 0.52
C GLN A 262 34.91 -12.20 0.41
N PHE A 263 36.16 -12.15 -0.03
CA PHE A 263 36.85 -10.88 -0.17
C PHE A 263 35.91 -9.86 -0.77
N HIS A 264 35.34 -10.20 -1.92
CA HIS A 264 34.42 -9.32 -2.59
C HIS A 264 33.41 -8.77 -1.61
N ARG A 265 32.60 -9.66 -1.05
CA ARG A 265 31.56 -9.30 -0.07
C ARG A 265 32.09 -8.26 0.89
N LEU A 266 32.82 -8.77 1.87
CA LEU A 266 33.46 -7.99 2.92
C LEU A 266 33.83 -6.59 2.51
N LEU A 267 34.46 -6.48 1.33
CA LEU A 267 34.89 -5.21 0.81
C LEU A 267 33.75 -4.20 0.77
N GLN A 268 32.63 -4.57 0.13
CA GLN A 268 31.52 -3.64 0.03
C GLN A 268 31.19 -3.10 1.41
N TYR A 269 31.29 -3.97 2.40
CA TYR A 269 31.01 -3.59 3.76
C TYR A 269 31.97 -2.49 4.16
N ALA A 270 33.26 -2.77 3.90
CA ALA A 270 34.39 -1.88 4.21
C ALA A 270 34.32 -0.50 3.58
N ARG A 271 33.77 -0.45 2.36
CA ARG A 271 33.60 0.79 1.62
C ARG A 271 33.01 1.89 2.50
N PRO A 272 32.96 3.13 1.99
CA PRO A 272 32.42 4.24 2.76
C PRO A 272 31.03 4.76 2.34
N LYS A 273 30.35 5.43 3.26
CA LYS A 273 29.01 5.96 3.03
C LYS A 273 28.97 6.92 1.86
N PRO A 274 28.43 6.46 0.70
CA PRO A 274 28.28 7.17 -0.59
C PRO A 274 28.38 8.69 -0.58
N GLY A 275 29.32 9.22 -1.36
CA GLY A 275 29.52 10.65 -1.45
C GLY A 275 30.68 11.15 -0.62
N SER A 276 31.17 10.31 0.28
CA SER A 276 32.30 10.68 1.13
C SER A 276 33.50 10.93 0.23
N PRO A 277 34.47 11.76 0.68
CA PRO A 277 35.67 12.07 -0.09
C PRO A 277 36.03 10.93 -1.02
N GLY A 278 36.84 10.00 -0.52
CA GLY A 278 37.22 8.87 -1.34
C GLY A 278 38.64 8.34 -1.24
N PRO A 279 39.42 8.73 -0.23
CA PRO A 279 40.71 8.06 -0.37
C PRO A 279 40.43 6.59 -0.01
N PHE A 280 40.14 5.75 -1.01
CA PHE A 280 39.82 4.34 -0.76
C PHE A 280 40.45 3.33 -1.73
N PHE A 281 41.32 2.47 -1.21
CA PHE A 281 42.00 1.49 -2.04
C PHE A 281 41.84 0.06 -1.58
N TRP A 282 41.82 -0.84 -2.55
CA TRP A 282 41.65 -2.27 -2.32
C TRP A 282 42.46 -3.10 -3.28
N MET A 283 42.93 -4.25 -2.83
CA MET A 283 43.72 -5.09 -3.71
C MET A 283 43.56 -6.57 -3.40
N PHE A 284 43.58 -7.38 -4.43
CA PHE A 284 43.44 -8.80 -4.25
C PHE A 284 44.54 -9.47 -5.04
N VAL A 285 45.24 -10.38 -4.39
CA VAL A 285 46.36 -11.07 -5.02
C VAL A 285 46.22 -12.58 -5.11
N ASP A 286 46.75 -13.15 -6.19
CA ASP A 286 46.71 -14.59 -6.43
C ASP A 286 48.10 -15.12 -6.78
N ASN A 287 48.51 -16.16 -6.08
CA ASN A 287 49.80 -16.76 -6.30
C ASN A 287 49.70 -17.92 -7.29
N LEU A 288 48.91 -17.72 -8.34
CA LEU A 288 48.74 -18.73 -9.37
C LEU A 288 48.02 -19.96 -8.82
N VAL A 289 47.10 -19.73 -7.87
CA VAL A 289 46.35 -20.81 -7.27
C VAL A 289 44.96 -21.02 -7.89
N LEU A 290 44.48 -20.00 -8.62
CA LEU A 290 43.19 -20.11 -9.29
C LEU A 290 43.45 -20.64 -10.69
N ASN A 291 42.47 -21.32 -11.27
CA ASN A 291 42.63 -21.86 -12.62
C ASN A 291 41.95 -20.94 -13.62
N LYS A 292 42.04 -21.26 -14.91
CA LYS A 292 41.45 -20.42 -15.94
C LYS A 292 40.00 -20.05 -15.66
N GLU A 293 39.13 -21.05 -15.55
CA GLU A 293 37.73 -20.79 -15.30
C GLU A 293 37.55 -19.96 -14.03
N ASP A 294 37.82 -20.58 -12.89
CA ASP A 294 37.70 -19.96 -11.57
C ASP A 294 38.36 -18.58 -11.50
N LEU A 295 39.05 -18.20 -12.57
CA LEU A 295 39.73 -16.91 -12.59
C LEU A 295 38.96 -15.94 -13.45
N ASP A 296 38.60 -16.36 -14.67
CA ASP A 296 37.83 -15.51 -15.56
C ASP A 296 36.66 -14.97 -14.76
N VAL A 297 36.32 -15.71 -13.70
CA VAL A 297 35.23 -15.35 -12.79
C VAL A 297 35.67 -14.11 -12.02
N ALA A 298 36.68 -14.33 -11.18
CA ALA A 298 37.27 -13.29 -10.35
C ALA A 298 37.29 -11.93 -11.05
N SER A 299 37.88 -11.92 -12.23
CA SER A 299 37.99 -10.68 -12.99
C SER A 299 36.65 -10.05 -13.27
N ARG A 300 35.59 -10.85 -13.29
CA ARG A 300 34.27 -10.31 -13.55
C ARG A 300 33.75 -9.62 -12.33
N PHE A 301 33.98 -10.23 -11.17
CA PHE A 301 33.52 -9.69 -9.89
C PHE A 301 34.29 -8.45 -9.45
N LEU A 302 35.59 -8.45 -9.76
CA LEU A 302 36.47 -7.36 -9.40
C LEU A 302 36.49 -6.27 -10.48
N GLU A 303 35.88 -6.57 -11.62
CA GLU A 303 35.76 -5.64 -12.74
C GLU A 303 37.06 -5.11 -13.37
N MET A 304 38.05 -5.98 -13.57
CA MET A 304 39.32 -5.58 -14.19
C MET A 304 40.23 -6.77 -14.44
N GLU A 305 40.73 -6.88 -15.66
CA GLU A 305 41.62 -7.95 -16.04
C GLU A 305 42.86 -7.90 -15.17
N PRO A 306 43.30 -9.05 -14.66
CA PRO A 306 44.49 -9.19 -13.80
C PRO A 306 45.75 -8.53 -14.32
N VAL A 307 46.76 -8.48 -13.46
CA VAL A 307 48.03 -7.88 -13.80
C VAL A 307 49.09 -8.77 -13.22
N THR A 308 49.53 -9.75 -14.01
CA THR A 308 50.54 -10.68 -13.54
C THR A 308 51.94 -10.08 -13.42
N ILE A 309 52.53 -10.18 -12.22
CA ILE A 309 53.87 -9.66 -11.97
C ILE A 309 54.82 -10.79 -11.63
N PRO A 310 55.88 -10.97 -12.45
CA PRO A 310 56.93 -11.98 -12.32
C PRO A 310 58.16 -11.61 -11.52
N ASP A 311 58.85 -12.64 -11.03
CA ASP A 311 60.08 -12.48 -10.26
C ASP A 311 61.21 -12.98 -11.17
N VAL A 312 62.10 -12.06 -11.55
CA VAL A 312 63.22 -12.40 -12.43
C VAL A 312 64.44 -12.96 -11.70
N HIS A 313 65.25 -13.72 -12.41
CA HIS A 313 66.46 -14.32 -11.85
C HIS A 313 67.55 -14.39 -12.93
N GLY A 314 67.40 -13.58 -13.97
CA GLY A 314 68.35 -13.55 -15.07
C GLY A 314 68.06 -14.59 -16.13
N GLY A 315 66.85 -14.54 -16.68
CA GLY A 315 66.45 -15.50 -17.71
C GLY A 315 65.45 -16.52 -17.19
N SER A 316 65.68 -16.99 -15.96
CA SER A 316 64.80 -17.95 -15.31
C SER A 316 63.51 -17.28 -14.85
N LEU A 317 62.65 -18.04 -14.19
CA LEU A 317 61.37 -17.53 -13.69
C LEU A 317 61.01 -18.31 -12.42
N GLN A 318 61.25 -17.69 -11.26
CA GLN A 318 60.98 -18.32 -9.98
C GLN A 318 59.50 -18.33 -9.60
N ASN A 319 58.95 -17.15 -9.34
CA ASN A 319 57.56 -17.00 -8.96
C ASN A 319 56.82 -16.01 -9.81
N ALA A 320 55.51 -15.90 -9.56
CA ALA A 320 54.66 -14.98 -10.28
C ALA A 320 53.48 -14.64 -9.38
N VAL A 321 52.72 -13.63 -9.78
CA VAL A 321 51.58 -13.20 -8.99
C VAL A 321 50.57 -12.41 -9.82
N ARG A 322 49.30 -12.80 -9.74
CA ARG A 322 48.22 -12.13 -10.46
C ARG A 322 47.63 -11.07 -9.51
N VAL A 323 47.31 -9.88 -10.02
CA VAL A 323 46.79 -8.83 -9.13
C VAL A 323 45.59 -8.03 -9.61
N TRP A 324 44.79 -7.59 -8.65
CA TRP A 324 43.60 -6.78 -8.93
C TRP A 324 43.56 -5.59 -7.97
N SER A 325 43.35 -4.39 -8.49
CA SER A 325 43.29 -3.24 -7.59
C SER A 325 42.94 -1.89 -8.22
N ASN A 326 42.63 -0.92 -7.37
CA ASN A 326 42.27 0.41 -7.83
C ASN A 326 43.44 1.37 -7.62
N ILE A 327 44.49 0.85 -6.98
CA ILE A 327 45.69 1.62 -6.71
C ILE A 327 46.32 2.20 -7.98
N PRO A 328 46.58 3.53 -8.00
CA PRO A 328 47.16 4.25 -9.13
C PRO A 328 48.11 3.44 -9.97
N ALA A 329 47.85 3.49 -11.27
CA ALA A 329 48.64 2.81 -12.29
C ALA A 329 49.27 1.51 -11.82
N ILE A 330 48.55 0.42 -12.04
CA ILE A 330 49.07 -0.85 -11.66
C ILE A 330 48.95 -1.65 -12.94
N ARG A 331 48.38 -0.99 -13.94
CA ARG A 331 48.20 -1.59 -15.25
C ARG A 331 49.34 -1.21 -16.20
N SER A 332 50.45 -0.74 -15.62
CA SER A 332 51.64 -0.36 -16.37
C SER A 332 52.79 -1.28 -15.99
N ARG A 333 52.72 -1.83 -14.77
CA ARG A 333 53.74 -2.76 -14.27
C ARG A 333 53.44 -4.19 -14.72
N HIS A 334 52.83 -4.31 -15.89
CA HIS A 334 52.47 -5.60 -16.46
C HIS A 334 53.61 -6.06 -17.38
N TRP A 335 53.88 -7.36 -17.34
CA TRP A 335 54.92 -7.95 -18.16
C TRP A 335 54.30 -8.90 -19.19
N ALA A 336 53.77 -8.33 -20.27
CA ALA A 336 53.16 -9.12 -21.34
C ALA A 336 54.23 -10.08 -21.83
N LEU A 337 55.42 -9.92 -21.24
CA LEU A 337 56.59 -10.73 -21.53
C LEU A 337 56.43 -12.13 -20.95
N VAL A 338 55.25 -12.42 -20.38
CA VAL A 338 55.00 -13.73 -19.81
C VAL A 338 53.85 -14.43 -20.55
N SER A 339 53.94 -15.75 -20.65
CA SER A 339 52.93 -16.53 -21.36
C SER A 339 52.29 -17.61 -20.50
N GLU A 340 50.97 -17.70 -20.61
CA GLU A 340 50.15 -18.66 -19.87
C GLU A 340 50.79 -20.03 -19.80
N GLU A 341 51.18 -20.56 -20.96
CA GLU A 341 51.80 -21.87 -21.06
C GLU A 341 53.06 -22.02 -20.22
N GLU A 342 53.60 -20.90 -19.74
CA GLU A 342 54.79 -20.94 -18.92
C GLU A 342 54.42 -21.19 -17.47
N LEU A 343 53.47 -20.40 -16.97
CA LEU A 343 53.00 -20.52 -15.60
C LEU A 343 52.48 -21.93 -15.36
N SER A 344 51.55 -22.36 -16.21
CA SER A 344 50.95 -23.69 -16.09
C SER A 344 51.97 -24.72 -15.65
N LEU A 345 53.19 -24.61 -16.18
CA LEU A 345 54.27 -25.53 -15.84
C LEU A 345 54.95 -25.03 -14.56
N LEU A 346 55.18 -23.73 -14.48
CA LEU A 346 55.81 -23.13 -13.31
C LEU A 346 55.09 -23.60 -12.05
N ALA A 347 53.80 -23.88 -12.18
CA ALA A 347 52.98 -24.33 -11.06
C ALA A 347 53.04 -25.85 -10.89
N GLN A 348 54.05 -26.46 -11.50
CA GLN A 348 54.19 -27.91 -11.43
C GLN A 348 55.39 -28.26 -10.54
N ASN A 349 56.49 -27.52 -10.73
CA ASN A 349 57.72 -27.75 -9.98
C ASN A 349 57.65 -27.22 -8.55
N LYS A 350 56.49 -26.69 -8.16
CA LYS A 350 56.30 -26.16 -6.80
C LYS A 350 55.46 -27.12 -5.98
N GLN A 351 54.49 -27.76 -6.63
CA GLN A 351 53.64 -28.73 -5.95
C GLN A 351 54.42 -30.05 -5.89
N SER A 352 55.66 -30.01 -6.37
CA SER A 352 56.52 -31.19 -6.40
C SER A 352 57.62 -31.16 -5.33
N SER A 353 57.39 -30.42 -4.25
CA SER A 353 58.36 -30.32 -3.16
C SER A 353 57.70 -30.02 -1.82
N LYS A 354 58.52 -29.93 -0.77
CA LYS A 354 58.06 -29.63 0.59
C LYS A 354 58.37 -28.17 0.93
N LEU A 355 58.13 -27.30 -0.05
CA LEU A 355 58.37 -25.86 0.08
C LEU A 355 57.56 -25.25 1.23
N ALA A 356 57.99 -24.07 1.68
CA ALA A 356 57.30 -23.37 2.75
C ALA A 356 56.26 -22.41 2.15
N ALA A 357 55.15 -22.22 2.86
CA ALA A 357 54.08 -21.34 2.41
C ALA A 357 54.55 -19.88 2.37
N LYS A 358 55.86 -19.70 2.25
CA LYS A 358 56.46 -18.37 2.20
C LYS A 358 55.69 -17.56 1.17
N TRP A 359 54.96 -16.57 1.64
CA TRP A 359 54.17 -15.73 0.75
C TRP A 359 55.03 -14.68 0.04
N PRO A 360 55.02 -14.70 -1.30
CA PRO A 360 55.74 -13.82 -2.24
C PRO A 360 55.47 -12.33 -2.11
N THR A 361 55.81 -11.77 -0.95
CA THR A 361 55.63 -10.35 -0.65
C THR A 361 56.30 -9.45 -1.68
N LYS A 362 57.61 -9.50 -1.68
CA LYS A 362 58.46 -8.71 -2.57
C LYS A 362 57.76 -8.27 -3.85
N LEU A 363 56.96 -9.15 -4.42
CA LEU A 363 56.26 -8.82 -5.66
C LEU A 363 55.49 -7.50 -5.62
N VAL A 364 54.52 -7.42 -4.71
CA VAL A 364 53.67 -6.24 -4.59
C VAL A 364 54.19 -5.12 -3.69
N LYS A 365 55.11 -5.45 -2.79
CA LYS A 365 55.65 -4.45 -1.87
C LYS A 365 55.70 -3.04 -2.47
N ASN A 366 56.22 -2.93 -3.68
CA ASN A 366 56.33 -1.62 -4.28
C ASN A 366 55.07 -1.09 -4.91
N CYS A 367 54.08 -1.96 -5.13
CA CYS A 367 52.83 -1.53 -5.76
C CYS A 367 52.18 -0.47 -4.92
N PHE A 368 52.41 -0.57 -3.61
CA PHE A 368 51.81 0.36 -2.68
C PHE A 368 52.43 1.74 -2.69
N LEU A 369 53.60 1.86 -3.30
CA LEU A 369 54.29 3.13 -3.37
C LEU A 369 53.50 4.39 -3.65
N PRO A 370 52.65 4.39 -4.69
CA PRO A 370 51.83 5.54 -5.08
C PRO A 370 51.06 6.14 -3.91
N LEU A 371 50.70 5.29 -2.97
CA LEU A 371 49.96 5.72 -1.80
C LEU A 371 50.76 6.71 -1.00
N ARG A 372 52.08 6.55 -0.96
CA ARG A 372 52.92 7.48 -0.21
C ARG A 372 52.47 8.92 -0.48
N GLU A 373 51.83 9.15 -1.62
CA GLU A 373 51.37 10.48 -1.98
C GLU A 373 50.00 10.87 -1.40
N TYR A 374 49.35 9.92 -0.73
CA TYR A 374 48.04 10.15 -0.14
C TYR A 374 48.01 10.09 1.38
N PHE A 375 48.65 9.09 1.97
CA PHE A 375 48.66 8.94 3.42
C PHE A 375 49.94 9.33 4.10
N LYS A 376 49.91 9.28 5.42
CA LYS A 376 51.08 9.66 6.21
C LYS A 376 52.22 8.67 6.11
N TYR A 377 53.44 9.20 6.01
CA TYR A 377 54.67 8.41 5.92
C TYR A 377 55.45 8.56 7.22
N PHE A 378 56.04 7.47 7.70
CA PHE A 378 56.80 7.48 8.96
C PHE A 378 58.30 7.20 8.80
N SER A 379 59.08 8.27 8.85
CA SER A 379 60.53 8.19 8.73
C SER A 379 61.17 7.20 9.69
N THR A 380 62.12 6.42 9.19
CA THR A 380 62.82 5.42 9.98
C THR A 380 64.20 5.92 10.44
N ALA B 1 72.20 18.41 -4.38
CA ALA B 1 71.09 17.53 -4.13
C ALA B 1 71.55 16.09 -4.18
N ARG B 2 70.61 15.20 -4.43
CA ARG B 2 70.90 13.79 -4.52
C ARG B 2 70.46 13.42 -5.93
N THR B 3 71.23 12.60 -6.62
CA THR B 3 70.90 12.22 -7.99
C THR B 3 70.34 10.81 -8.14
N LYS B 4 69.82 10.50 -9.32
CA LYS B 4 69.28 9.18 -9.60
C LYS B 4 68.73 9.10 -11.03
N GLN B 5 68.84 7.92 -11.63
CA GLN B 5 68.35 7.68 -12.99
C GLN B 5 67.86 6.23 -13.08
N THR B 6 66.66 6.02 -13.63
CA THR B 6 66.10 4.66 -13.75
C THR B 6 65.74 4.27 -15.19
N ALA B 7 65.71 2.96 -15.46
CA ALA B 7 65.42 2.43 -16.80
C ALA B 7 63.94 2.09 -17.06
N GLY C 34 -15.78 -0.35 23.82
CA GLY C 34 -16.20 1.07 24.05
C GLY C 34 -15.94 1.97 22.85
N ARG C 35 -16.66 1.75 21.77
CA ARG C 35 -16.50 2.54 20.56
C ARG C 35 -17.40 3.76 20.54
N ASP C 36 -18.70 3.52 20.41
CA ASP C 36 -19.71 4.57 20.37
C ASP C 36 -19.46 5.71 21.36
N LEU C 37 -18.90 5.37 22.51
CA LEU C 37 -18.60 6.35 23.56
C LEU C 37 -17.97 7.65 23.05
N ILE C 38 -17.02 7.51 22.13
CA ILE C 38 -16.32 8.65 21.56
C ILE C 38 -17.23 9.84 21.31
N ALA C 39 -18.31 9.60 20.58
CA ALA C 39 -19.27 10.65 20.27
C ALA C 39 -19.44 11.62 21.43
N TYR C 40 -19.91 11.07 22.55
CA TYR C 40 -20.12 11.87 23.75
C TYR C 40 -18.77 12.41 24.21
N GLU C 41 -17.78 11.54 24.18
CA GLU C 41 -16.44 11.91 24.60
C GLU C 41 -15.87 13.08 23.80
N VAL C 42 -16.57 13.50 22.76
CA VAL C 42 -16.09 14.60 21.93
C VAL C 42 -17.05 15.78 21.79
N LYS C 43 -18.35 15.50 21.69
CA LYS C 43 -19.35 16.56 21.55
C LYS C 43 -20.04 16.92 22.88
N ALA C 44 -19.55 16.35 23.98
CA ALA C 44 -20.09 16.59 25.31
C ALA C 44 -19.00 17.05 26.29
N ASN C 45 -18.26 16.09 26.86
CA ASN C 45 -17.17 16.43 27.79
C ASN C 45 -16.17 17.29 27.05
N GLN C 46 -16.18 17.18 25.73
CA GLN C 46 -15.30 17.93 24.86
C GLN C 46 -13.84 17.55 25.09
N ARG C 47 -13.49 16.32 24.72
CA ARG C 47 -12.13 15.83 24.84
C ARG C 47 -11.46 15.99 23.49
N ASN C 48 -10.13 15.99 23.49
CA ASN C 48 -9.39 16.14 22.24
C ASN C 48 -9.11 14.76 21.65
N ILE C 49 -9.92 14.37 20.67
CA ILE C 49 -9.80 13.08 19.99
C ILE C 49 -8.40 12.51 20.14
N GLU C 50 -7.42 13.33 19.82
CA GLU C 50 -6.01 12.95 19.89
C GLU C 50 -5.62 12.31 21.21
N ASP C 51 -6.55 12.26 22.16
CA ASP C 51 -6.28 11.65 23.46
C ASP C 51 -7.11 10.39 23.71
N ILE C 52 -7.68 9.82 22.66
CA ILE C 52 -8.46 8.60 22.79
C ILE C 52 -8.41 7.76 21.53
N CYS C 53 -7.81 6.57 21.65
CA CYS C 53 -7.68 5.65 20.53
C CYS C 53 -8.92 5.61 19.63
N ILE C 54 -8.90 6.36 18.54
CA ILE C 54 -10.04 6.36 17.63
C ILE C 54 -10.33 4.98 17.05
N CYS C 55 -9.50 3.99 17.42
CA CYS C 55 -9.66 2.62 16.94
C CYS C 55 -10.61 1.79 17.79
N CYS C 56 -10.22 1.52 19.03
CA CYS C 56 -11.06 0.73 19.92
C CYS C 56 -11.77 1.57 21.00
N GLY C 57 -11.38 2.83 21.16
CA GLY C 57 -12.03 3.70 22.13
C GLY C 57 -11.28 4.10 23.39
N SER C 58 -10.47 3.18 23.94
CA SER C 58 -9.70 3.41 25.15
C SER C 58 -9.20 4.84 25.32
N LEU C 59 -8.98 5.25 26.57
CA LEU C 59 -8.51 6.60 26.84
C LEU C 59 -7.01 6.72 27.06
N GLN C 60 -6.35 5.62 27.42
CA GLN C 60 -4.91 5.66 27.60
C GLN C 60 -4.21 5.47 26.25
N VAL C 61 -3.72 6.58 25.67
CA VAL C 61 -3.04 6.56 24.38
C VAL C 61 -1.51 6.44 24.44
N HIS C 62 -0.94 5.74 23.46
CA HIS C 62 0.50 5.54 23.39
C HIS C 62 1.10 6.62 22.47
N THR C 63 0.35 6.98 21.44
CA THR C 63 0.76 7.99 20.48
C THR C 63 -0.33 8.22 19.44
N GLN C 64 -0.23 9.33 18.71
CA GLN C 64 -1.21 9.70 17.69
C GLN C 64 -1.37 8.67 16.56
N HIS C 65 -2.47 8.79 15.82
CA HIS C 65 -2.79 7.88 14.73
C HIS C 65 -2.20 8.40 13.44
N PRO C 66 -1.62 7.50 12.63
CA PRO C 66 -1.01 7.87 11.35
C PRO C 66 -2.00 8.47 10.34
N LEU C 67 -2.77 7.63 9.66
CA LEU C 67 -3.70 8.10 8.62
C LEU C 67 -4.80 9.10 8.97
N PHE C 68 -5.30 9.10 10.20
CA PHE C 68 -6.32 10.06 10.56
C PHE C 68 -5.98 10.83 11.83
N GLU C 69 -6.84 11.78 12.20
CA GLU C 69 -6.63 12.60 13.38
C GLU C 69 -7.24 11.98 14.63
N GLY C 70 -6.39 11.48 15.53
CA GLY C 70 -6.88 10.85 16.74
C GLY C 70 -5.78 10.26 17.61
N GLY C 71 -6.01 9.08 18.19
CA GLY C 71 -5.00 8.46 19.03
C GLY C 71 -5.01 6.94 18.95
N ILE C 72 -4.09 6.28 19.65
CA ILE C 72 -4.03 4.81 19.64
C ILE C 72 -3.46 4.19 20.92
N CYS C 73 -4.16 3.20 21.45
CA CYS C 73 -3.72 2.52 22.66
C CYS C 73 -2.54 1.63 22.31
N ALA C 74 -1.75 1.26 23.31
CA ALA C 74 -0.60 0.41 23.08
C ALA C 74 -0.98 -0.84 22.30
N PRO C 75 -1.95 -1.62 22.79
CA PRO C 75 -2.38 -2.84 22.12
C PRO C 75 -3.00 -2.66 20.72
N CYS C 76 -3.50 -1.47 20.42
CA CYS C 76 -4.08 -1.23 19.10
C CYS C 76 -2.91 -0.93 18.16
N LYS C 77 -1.98 -0.10 18.63
CA LYS C 77 -0.79 0.24 17.86
C LYS C 77 -0.13 -1.06 17.40
N ASP C 78 0.43 -1.78 18.37
CA ASP C 78 1.09 -3.05 18.13
C ASP C 78 0.33 -3.90 17.10
N LYS C 79 -0.98 -3.82 17.09
CA LYS C 79 -1.75 -4.63 16.14
C LYS C 79 -1.84 -3.98 14.78
N PHE C 80 -1.37 -2.73 14.70
CA PHE C 80 -1.35 -1.95 13.48
C PHE C 80 -0.07 -2.33 12.73
N LEU C 81 1.08 -1.99 13.32
CA LEU C 81 2.37 -2.34 12.74
C LEU C 81 2.37 -3.81 12.39
N ASP C 82 1.61 -4.58 13.15
CA ASP C 82 1.53 -6.03 12.95
C ASP C 82 0.86 -6.41 11.64
N ALA C 83 0.26 -5.43 10.99
CA ALA C 83 -0.39 -5.71 9.72
C ALA C 83 -0.37 -4.49 8.84
N LEU C 84 0.75 -4.28 8.15
CA LEU C 84 0.86 -3.11 7.29
C LEU C 84 0.64 -3.30 5.81
N PHE C 85 1.53 -3.99 5.14
CA PHE C 85 1.30 -4.17 3.72
C PHE C 85 0.72 -5.55 3.48
N LEU C 86 -0.30 -5.88 4.27
CA LEU C 86 -0.94 -7.18 4.15
C LEU C 86 -2.00 -7.08 3.07
N TYR C 87 -1.78 -7.79 1.97
CA TYR C 87 -2.72 -7.78 0.85
C TYR C 87 -3.36 -9.14 0.64
N ASP C 88 -4.36 -9.18 -0.23
CA ASP C 88 -5.06 -10.42 -0.53
C ASP C 88 -5.28 -10.65 -2.03
N ASP C 89 -5.37 -11.92 -2.41
CA ASP C 89 -5.57 -12.36 -3.78
C ASP C 89 -6.43 -11.46 -4.68
N ASP C 90 -7.36 -10.72 -4.09
CA ASP C 90 -8.22 -9.84 -4.89
C ASP C 90 -7.52 -8.51 -5.12
N GLY C 91 -6.44 -8.28 -4.39
CA GLY C 91 -5.66 -7.07 -4.56
C GLY C 91 -5.88 -5.89 -3.63
N TYR C 92 -6.44 -6.10 -2.44
CA TYR C 92 -6.65 -4.98 -1.52
C TYR C 92 -6.07 -5.26 -0.15
N GLN C 93 -6.00 -4.23 0.68
CA GLN C 93 -5.48 -4.40 2.02
C GLN C 93 -6.31 -5.47 2.72
N SER C 94 -5.63 -6.40 3.37
CA SER C 94 -6.33 -7.46 4.08
C SER C 94 -7.21 -6.90 5.19
N TYR C 95 -6.59 -6.19 6.11
CA TYR C 95 -7.33 -5.64 7.21
C TYR C 95 -7.87 -4.27 6.87
N CYS C 96 -8.39 -3.56 7.87
CA CYS C 96 -8.97 -2.24 7.67
C CYS C 96 -8.03 -1.08 7.90
N SER C 97 -8.29 -0.04 7.12
CA SER C 97 -7.50 1.19 7.13
C SER C 97 -7.54 2.04 8.40
N ILE C 98 -8.50 1.81 9.29
CA ILE C 98 -8.56 2.61 10.51
C ILE C 98 -8.18 1.84 11.76
N CYS C 99 -8.76 0.66 11.93
CA CYS C 99 -8.53 -0.15 13.11
C CYS C 99 -7.96 -1.55 12.89
N CYS C 100 -7.58 -1.87 11.66
CA CYS C 100 -7.00 -3.19 11.36
C CYS C 100 -7.97 -4.36 11.50
N SER C 101 -9.17 -4.11 12.02
CA SER C 101 -10.15 -5.17 12.17
C SER C 101 -10.65 -5.44 10.76
N GLY C 102 -10.73 -6.70 10.35
CA GLY C 102 -11.19 -6.98 9.00
C GLY C 102 -12.37 -7.91 8.84
N GLU C 103 -13.30 -7.89 9.78
CA GLU C 103 -14.46 -8.77 9.70
C GLU C 103 -15.29 -8.44 8.47
N THR C 104 -15.66 -7.18 8.34
CA THR C 104 -16.46 -6.73 7.20
C THR C 104 -15.78 -5.48 6.67
N LEU C 105 -15.88 -5.23 5.36
CA LEU C 105 -15.19 -4.08 4.80
C LEU C 105 -15.83 -3.29 3.66
N LEU C 106 -15.69 -1.97 3.71
CA LEU C 106 -16.19 -1.04 2.69
C LEU C 106 -15.02 -0.71 1.79
N ILE C 107 -15.05 -1.20 0.55
CA ILE C 107 -13.97 -0.96 -0.40
C ILE C 107 -14.07 0.34 -1.17
N CYS C 108 -12.92 0.97 -1.43
CA CYS C 108 -12.88 2.23 -2.16
C CYS C 108 -13.03 2.00 -3.67
N GLY C 109 -13.97 2.72 -4.27
CA GLY C 109 -14.23 2.58 -5.70
C GLY C 109 -13.32 3.34 -6.63
N ASN C 110 -12.10 3.58 -6.19
CA ASN C 110 -11.11 4.28 -7.01
C ASN C 110 -10.08 3.22 -7.36
N PRO C 111 -9.85 2.98 -8.65
CA PRO C 111 -8.88 1.97 -9.11
C PRO C 111 -7.47 2.09 -8.53
N ASP C 112 -7.03 3.31 -8.26
CA ASP C 112 -5.69 3.52 -7.74
C ASP C 112 -5.62 3.45 -6.21
N CYS C 113 -6.71 3.02 -5.58
CA CYS C 113 -6.77 2.89 -4.12
C CYS C 113 -7.08 1.45 -3.74
N THR C 114 -6.37 0.94 -2.76
CA THR C 114 -6.55 -0.43 -2.29
C THR C 114 -6.93 -0.47 -0.82
N ARG C 115 -7.64 0.57 -0.37
CA ARG C 115 -8.05 0.70 1.02
C ARG C 115 -9.49 0.25 1.32
N CYS C 116 -9.72 -0.13 2.57
CA CYS C 116 -11.02 -0.59 3.02
C CYS C 116 -11.40 0.10 4.32
N TYR C 117 -12.57 -0.23 4.86
CA TYR C 117 -13.04 0.37 6.10
C TYR C 117 -14.08 -0.45 6.90
N CYS C 118 -14.02 -0.35 8.23
CA CYS C 118 -14.95 -1.03 9.12
C CYS C 118 -16.32 -0.42 8.97
N PHE C 119 -17.35 -1.25 8.87
CA PHE C 119 -18.70 -0.69 8.77
C PHE C 119 -18.82 0.16 10.01
N GLU C 120 -18.29 -0.39 11.09
CA GLU C 120 -18.28 0.24 12.40
C GLU C 120 -17.63 1.61 12.40
N CYS C 121 -16.32 1.62 12.19
CA CYS C 121 -15.54 2.85 12.17
C CYS C 121 -16.26 4.05 11.55
N VAL C 122 -16.89 3.85 10.40
CA VAL C 122 -17.57 4.95 9.75
C VAL C 122 -18.57 5.62 10.67
N ASP C 123 -19.56 4.84 11.11
CA ASP C 123 -20.60 5.33 12.00
C ASP C 123 -20.07 5.72 13.37
N SER C 124 -19.22 4.87 13.93
CA SER C 124 -18.65 5.15 15.24
C SER C 124 -17.86 6.47 15.25
N LEU C 125 -17.26 6.81 14.11
CA LEU C 125 -16.47 8.03 14.03
C LEU C 125 -17.06 9.20 13.27
N VAL C 126 -17.94 8.93 12.30
CA VAL C 126 -18.54 10.02 11.54
C VAL C 126 -19.93 10.33 12.09
N GLY C 127 -20.95 9.84 11.39
CA GLY C 127 -22.31 10.04 11.82
C GLY C 127 -23.03 8.70 11.84
N PRO C 128 -23.84 8.42 12.87
CA PRO C 128 -24.55 7.14 12.94
C PRO C 128 -25.40 6.90 11.70
N GLY C 129 -25.37 5.69 11.18
CA GLY C 129 -26.15 5.38 10.00
C GLY C 129 -25.55 5.81 8.67
N THR C 130 -24.22 5.96 8.62
CA THR C 130 -23.54 6.35 7.39
C THR C 130 -23.20 5.12 6.58
N SER C 131 -22.60 4.13 7.22
CA SER C 131 -22.24 2.89 6.54
C SER C 131 -23.42 2.41 5.68
N GLY C 132 -24.61 2.79 6.08
CA GLY C 132 -25.78 2.39 5.32
C GLY C 132 -25.68 3.06 3.96
N LYS C 133 -25.59 4.38 3.96
CA LYS C 133 -25.48 5.16 2.74
C LYS C 133 -24.28 4.66 1.95
N VAL C 134 -23.09 4.86 2.54
CA VAL C 134 -21.83 4.47 1.92
C VAL C 134 -21.93 3.14 1.18
N HIS C 135 -22.48 2.12 1.82
CA HIS C 135 -22.61 0.83 1.17
C HIS C 135 -23.57 0.85 -0.04
N ALA C 136 -24.52 1.77 -0.01
CA ALA C 136 -25.51 1.87 -1.08
C ALA C 136 -25.09 2.69 -2.29
N MET C 137 -23.94 3.37 -2.20
CA MET C 137 -23.45 4.19 -3.31
C MET C 137 -22.80 3.37 -4.42
N SER C 138 -22.43 4.04 -5.50
CA SER C 138 -21.80 3.37 -6.62
C SER C 138 -20.48 4.05 -6.96
N ASN C 139 -20.33 5.29 -6.50
CA ASN C 139 -19.14 6.07 -6.75
C ASN C 139 -18.54 6.54 -5.44
N TRP C 140 -17.97 5.63 -4.67
CA TRP C 140 -17.39 6.01 -3.40
C TRP C 140 -15.88 6.18 -3.41
N VAL C 141 -15.41 7.23 -2.73
CA VAL C 141 -13.99 7.53 -2.62
C VAL C 141 -13.60 7.69 -1.15
N CYS C 142 -12.67 6.87 -0.67
CA CYS C 142 -12.25 6.91 0.73
C CYS C 142 -12.06 8.31 1.29
N TYR C 143 -11.78 8.41 2.57
CA TYR C 143 -11.57 9.71 3.20
C TYR C 143 -10.11 10.08 3.02
N LEU C 144 -9.32 9.12 2.53
CA LEU C 144 -7.91 9.35 2.29
C LEU C 144 -7.66 9.79 0.86
N CYS C 145 -8.75 9.98 0.10
CA CYS C 145 -8.66 10.42 -1.28
C CYS C 145 -9.12 11.86 -1.46
N LEU C 146 -10.42 12.12 -1.33
CA LEU C 146 -10.92 13.48 -1.49
C LEU C 146 -10.24 14.36 -0.44
N PRO C 147 -10.08 15.66 -0.75
CA PRO C 147 -9.44 16.67 0.12
C PRO C 147 -10.18 17.07 1.39
N SER C 148 -11.50 17.29 1.28
CA SER C 148 -12.31 17.70 2.44
C SER C 148 -11.89 16.95 3.70
N SER C 149 -10.98 17.59 4.44
CA SER C 149 -10.44 17.03 5.67
C SER C 149 -11.48 16.60 6.72
N ARG C 150 -12.45 17.47 7.03
CA ARG C 150 -13.44 17.11 8.04
C ARG C 150 -14.79 16.63 7.53
N SER C 151 -15.28 15.58 8.19
CA SER C 151 -16.56 14.96 7.90
C SER C 151 -16.93 14.15 9.13
N GLY C 152 -17.62 14.80 10.06
CA GLY C 152 -17.98 14.15 11.30
C GLY C 152 -16.86 14.43 12.28
N LEU C 153 -16.10 13.39 12.64
CA LEU C 153 -14.98 13.52 13.57
C LEU C 153 -13.73 12.99 12.87
N LEU C 154 -13.98 12.28 11.77
CA LEU C 154 -12.95 11.65 10.96
C LEU C 154 -12.17 12.69 10.17
N GLN C 155 -10.90 12.90 10.52
CA GLN C 155 -10.08 13.86 9.78
C GLN C 155 -8.81 13.19 9.28
N ARG C 156 -8.52 13.40 8.01
CA ARG C 156 -7.33 12.84 7.38
C ARG C 156 -6.14 13.71 7.71
N ARG C 157 -5.20 13.18 8.48
CA ARG C 157 -4.01 13.93 8.84
C ARG C 157 -3.47 14.68 7.63
N ARG C 158 -2.70 15.74 7.86
CA ARG C 158 -2.13 16.51 6.76
C ARG C 158 -0.89 15.78 6.26
N LYS C 159 -1.00 15.24 5.04
CA LYS C 159 0.06 14.48 4.40
C LYS C 159 0.53 13.36 5.32
N TRP C 160 -0.25 12.29 5.30
CA TRP C 160 -0.02 11.11 6.11
C TRP C 160 1.14 10.29 5.64
N ARG C 161 1.04 9.82 4.41
CA ARG C 161 2.07 8.98 3.80
C ARG C 161 3.43 9.16 4.46
N SER C 162 3.79 10.42 4.67
CA SER C 162 5.05 10.79 5.28
C SER C 162 5.12 10.42 6.75
N GLN C 163 4.05 10.72 7.47
CA GLN C 163 4.01 10.41 8.89
C GLN C 163 3.82 8.92 9.07
N LEU C 164 2.99 8.31 8.23
CA LEU C 164 2.78 6.88 8.33
C LEU C 164 4.15 6.23 8.34
N LYS C 165 5.02 6.59 7.40
CA LYS C 165 6.35 6.00 7.39
C LYS C 165 6.96 6.17 8.77
N ALA C 166 7.22 7.43 9.13
CA ALA C 166 7.82 7.78 10.40
C ALA C 166 7.35 6.85 11.51
N PHE C 167 6.05 6.56 11.50
CA PHE C 167 5.43 5.67 12.46
C PHE C 167 6.29 4.41 12.52
N TYR C 168 6.15 3.55 11.53
CA TYR C 168 6.92 2.31 11.43
C TYR C 168 8.37 2.50 11.86
N ASP C 169 9.02 3.53 11.33
CA ASP C 169 10.43 3.81 11.67
C ASP C 169 10.70 3.98 13.16
N ARG C 170 9.76 4.62 13.85
CA ARG C 170 9.91 4.87 15.27
C ARG C 170 9.25 3.83 16.18
N GLU C 171 8.14 3.24 15.71
CA GLU C 171 7.38 2.25 16.50
C GLU C 171 7.73 0.76 16.37
N SER C 172 8.30 0.33 15.26
CA SER C 172 8.64 -1.09 15.14
C SER C 172 9.81 -1.35 16.08
N GLU C 173 9.95 -2.59 16.54
CA GLU C 173 11.04 -2.93 17.45
C GLU C 173 12.42 -3.03 16.81
N ASN C 174 12.44 -3.08 15.48
CA ASN C 174 13.67 -3.13 14.70
C ASN C 174 13.23 -2.94 13.27
N PRO C 175 13.03 -1.67 12.87
CA PRO C 175 12.59 -1.32 11.52
C PRO C 175 13.48 -1.93 10.46
N LEU C 176 12.99 -1.86 9.23
CA LEU C 176 13.70 -2.35 8.06
C LEU C 176 13.65 -1.28 7.00
N GLU C 177 14.04 -1.62 5.78
CA GLU C 177 13.97 -0.65 4.72
C GLU C 177 12.50 -0.33 4.49
N MET C 178 12.12 0.93 4.68
CA MET C 178 10.75 1.35 4.49
C MET C 178 10.73 2.63 3.67
N PHE C 179 10.43 2.51 2.38
CA PHE C 179 10.40 3.69 1.52
C PHE C 179 9.06 4.40 1.63
N GLU C 180 9.09 5.70 1.87
CA GLU C 180 7.86 6.47 2.00
C GLU C 180 6.87 6.10 0.89
N THR C 181 5.60 5.95 1.22
CA THR C 181 4.60 5.59 0.21
C THR C 181 4.49 6.71 -0.82
N VAL C 182 3.90 6.42 -1.97
CA VAL C 182 3.82 7.42 -3.04
C VAL C 182 2.46 7.96 -3.44
N PRO C 183 2.29 9.30 -3.38
CA PRO C 183 1.04 9.94 -3.75
C PRO C 183 0.57 9.43 -5.09
N VAL C 184 -0.70 9.08 -5.17
CA VAL C 184 -1.31 8.51 -6.37
C VAL C 184 -1.10 9.16 -7.74
N TRP C 185 -1.28 10.47 -7.84
CA TRP C 185 -1.14 11.13 -9.13
C TRP C 185 0.30 11.24 -9.62
N ARG C 186 1.25 10.96 -8.74
CA ARG C 186 2.67 11.08 -9.07
C ARG C 186 3.38 9.76 -9.27
N ARG C 187 2.66 8.66 -9.40
CA ARG C 187 3.32 7.37 -9.55
C ARG C 187 3.69 6.97 -10.98
N GLN C 188 4.99 6.83 -11.23
CA GLN C 188 5.47 6.44 -12.55
C GLN C 188 5.43 4.93 -12.69
N PRO C 189 5.59 4.41 -13.91
CA PRO C 189 5.58 2.97 -14.20
C PRO C 189 6.81 2.29 -13.67
N VAL C 190 6.62 1.06 -13.20
CA VAL C 190 7.73 0.29 -12.65
C VAL C 190 8.73 -0.07 -13.76
N ARG C 191 10.01 -0.17 -13.41
CA ARG C 191 11.03 -0.56 -14.38
C ARG C 191 11.69 -1.84 -13.88
N VAL C 192 11.30 -2.97 -14.47
CA VAL C 192 11.78 -4.26 -14.03
C VAL C 192 12.95 -4.86 -14.77
N LEU C 193 13.73 -5.65 -14.05
CA LEU C 193 14.85 -6.35 -14.62
C LEU C 193 14.75 -7.73 -14.00
N SER C 194 14.61 -8.76 -14.83
CA SER C 194 14.51 -10.11 -14.29
C SER C 194 15.50 -11.08 -14.91
N LEU C 195 16.32 -11.69 -14.06
CA LEU C 195 17.33 -12.66 -14.50
C LEU C 195 16.88 -14.10 -14.35
N PHE C 196 17.25 -14.88 -15.35
CA PHE C 196 16.97 -16.30 -15.39
C PHE C 196 15.51 -16.61 -15.61
N GLU C 197 14.58 -15.94 -14.94
CA GLU C 197 13.18 -16.25 -15.20
C GLU C 197 12.45 -15.00 -15.65
N ASP C 198 11.44 -15.18 -16.51
CA ASP C 198 10.68 -14.05 -17.05
C ASP C 198 9.39 -13.70 -16.31
N ILE C 199 9.48 -12.64 -15.52
CA ILE C 199 8.39 -12.13 -14.70
C ILE C 199 7.43 -11.23 -15.48
N LYS C 200 7.23 -11.49 -16.77
CA LYS C 200 6.35 -10.62 -17.53
C LYS C 200 4.90 -10.99 -17.31
N LYS C 201 4.52 -12.19 -17.74
CA LYS C 201 3.15 -12.68 -17.60
C LYS C 201 2.60 -12.14 -16.28
N GLU C 202 3.13 -12.67 -15.19
CA GLU C 202 2.77 -12.29 -13.83
C GLU C 202 2.67 -10.78 -13.70
N LEU C 203 3.79 -10.11 -13.48
CA LEU C 203 3.84 -8.66 -13.34
C LEU C 203 2.83 -7.89 -14.18
N THR C 204 2.35 -8.52 -15.25
CA THR C 204 1.34 -7.92 -16.13
C THR C 204 -0.01 -8.03 -15.45
N SER C 205 -0.47 -9.26 -15.24
CA SER C 205 -1.74 -9.49 -14.59
C SER C 205 -1.81 -8.67 -13.30
N LEU C 206 -0.79 -8.81 -12.46
CA LEU C 206 -0.74 -8.07 -11.21
C LEU C 206 -1.15 -6.64 -11.43
N GLY C 207 -0.70 -6.05 -12.54
CA GLY C 207 -1.11 -4.69 -12.82
C GLY C 207 -0.12 -3.58 -13.13
N PHE C 208 1.19 -3.81 -13.02
CA PHE C 208 2.10 -2.70 -13.32
C PHE C 208 2.74 -2.75 -14.69
N LEU C 209 2.35 -3.71 -15.51
CA LEU C 209 2.93 -3.84 -16.84
C LEU C 209 1.94 -3.54 -17.93
N GLU C 210 1.97 -2.32 -18.43
CA GLU C 210 1.05 -1.90 -19.48
C GLU C 210 0.96 -2.91 -20.60
N SER C 211 -0.13 -2.80 -21.37
CA SER C 211 -0.41 -3.67 -22.51
C SER C 211 0.54 -3.42 -23.67
N GLY C 212 0.60 -2.16 -24.16
CA GLY C 212 1.48 -1.84 -25.27
C GLY C 212 2.89 -2.33 -24.99
N SER C 213 3.16 -3.58 -25.38
CA SER C 213 4.45 -4.24 -25.16
C SER C 213 5.56 -3.87 -26.15
N ASP C 214 5.43 -2.71 -26.77
CA ASP C 214 6.45 -2.24 -27.70
C ASP C 214 7.54 -1.55 -26.87
N PRO C 215 7.19 -0.48 -26.11
CA PRO C 215 8.22 0.18 -25.31
C PRO C 215 8.85 -0.81 -24.31
N GLY C 216 7.99 -1.51 -23.56
CA GLY C 216 8.46 -2.49 -22.58
C GLY C 216 9.23 -1.87 -21.44
N GLN C 217 8.93 -2.28 -20.20
CA GLN C 217 9.62 -1.71 -19.05
C GLN C 217 10.29 -2.78 -18.18
N LEU C 218 10.40 -3.99 -18.72
CA LEU C 218 11.02 -5.08 -18.02
C LEU C 218 12.01 -5.73 -18.95
N LYS C 219 13.26 -5.83 -18.53
CA LYS C 219 14.27 -6.47 -19.36
C LYS C 219 14.55 -7.88 -18.80
N HIS C 220 14.51 -8.89 -19.66
CA HIS C 220 14.80 -10.25 -19.19
C HIS C 220 16.16 -10.62 -19.73
N VAL C 221 17.00 -11.19 -18.89
CA VAL C 221 18.34 -11.57 -19.31
C VAL C 221 18.67 -12.97 -18.82
N VAL C 222 18.93 -13.89 -19.74
CA VAL C 222 19.22 -15.25 -19.30
C VAL C 222 20.69 -15.58 -19.14
N ASP C 223 21.56 -15.13 -20.05
CA ASP C 223 22.98 -15.43 -19.89
C ASP C 223 23.75 -14.17 -19.54
N VAL C 224 24.01 -14.01 -18.26
CA VAL C 224 24.70 -12.85 -17.75
C VAL C 224 26.16 -13.11 -17.50
N THR C 225 26.61 -14.30 -17.89
CA THR C 225 27.98 -14.63 -17.60
C THR C 225 28.96 -13.57 -18.10
N ASP C 226 28.56 -12.84 -19.13
CA ASP C 226 29.43 -11.81 -19.69
C ASP C 226 29.07 -10.41 -19.21
N THR C 227 27.79 -10.07 -19.27
CA THR C 227 27.29 -8.77 -18.84
C THR C 227 28.20 -8.06 -17.84
N VAL C 228 28.45 -6.77 -18.07
CA VAL C 228 29.29 -5.97 -17.18
C VAL C 228 28.63 -4.66 -16.79
N ARG C 229 29.12 -4.04 -15.73
CA ARG C 229 28.52 -2.80 -15.26
C ARG C 229 27.90 -1.91 -16.34
N LYS C 230 28.72 -1.25 -17.14
CA LYS C 230 28.16 -0.34 -18.13
C LYS C 230 26.98 -0.98 -18.89
N ASP C 231 26.93 -2.31 -18.93
CA ASP C 231 25.83 -3.01 -19.62
C ASP C 231 24.54 -2.69 -18.89
N VAL C 232 24.46 -3.13 -17.65
CA VAL C 232 23.31 -2.90 -16.81
C VAL C 232 23.04 -1.41 -16.74
N GLU C 233 24.09 -0.65 -16.45
CA GLU C 233 23.96 0.80 -16.34
C GLU C 233 23.30 1.31 -17.61
N GLU C 234 23.66 0.69 -18.72
CA GLU C 234 23.13 1.08 -20.01
C GLU C 234 21.67 0.71 -20.14
N TRP C 235 21.32 -0.47 -19.62
CA TRP C 235 19.96 -0.97 -19.68
C TRP C 235 18.93 -0.15 -18.94
N GLY C 236 18.94 1.16 -19.14
CA GLY C 236 17.99 2.01 -18.46
C GLY C 236 18.12 1.81 -16.97
N PRO C 237 17.64 2.74 -16.16
CA PRO C 237 17.76 2.56 -14.72
C PRO C 237 16.60 1.70 -14.20
N PHE C 238 16.71 1.26 -12.95
CA PHE C 238 15.70 0.39 -12.38
C PHE C 238 15.03 0.75 -11.05
N ASP C 239 13.92 0.06 -10.79
CA ASP C 239 13.13 0.22 -9.57
C ASP C 239 13.00 -1.14 -8.90
N LEU C 240 12.92 -2.18 -9.73
CA LEU C 240 12.79 -3.53 -9.22
C LEU C 240 13.75 -4.42 -9.95
N VAL C 241 14.45 -5.24 -9.21
CA VAL C 241 15.41 -6.16 -9.80
C VAL C 241 15.10 -7.54 -9.28
N TYR C 242 14.56 -8.38 -10.14
CA TYR C 242 14.23 -9.74 -9.72
C TYR C 242 15.12 -10.76 -10.42
N GLY C 243 15.37 -11.86 -9.72
CA GLY C 243 16.18 -12.94 -10.27
C GLY C 243 15.88 -14.16 -9.43
N ALA C 244 15.93 -15.36 -10.00
CA ALA C 244 15.64 -16.54 -9.20
C ALA C 244 16.09 -17.81 -9.84
N THR C 245 16.77 -18.65 -9.07
CA THR C 245 17.26 -19.95 -9.54
C THR C 245 16.21 -20.66 -10.38
N PRO C 246 16.65 -21.59 -11.24
CA PRO C 246 15.74 -22.35 -12.09
C PRO C 246 15.24 -23.58 -11.34
N PRO C 247 13.97 -23.97 -11.56
CA PRO C 247 13.35 -25.13 -10.93
C PRO C 247 14.18 -26.39 -11.06
N LEU C 248 13.62 -27.51 -10.59
CA LEU C 248 14.32 -28.79 -10.63
C LEU C 248 14.33 -29.40 -12.02
N GLY C 249 13.59 -28.77 -12.94
CA GLY C 249 13.55 -29.25 -14.31
C GLY C 249 14.87 -28.89 -14.96
N HIS C 250 15.90 -29.66 -14.59
CA HIS C 250 17.28 -29.49 -15.07
C HIS C 250 17.45 -28.91 -16.46
N THR C 251 17.53 -27.58 -16.55
CA THR C 251 17.73 -26.89 -17.81
C THR C 251 19.25 -26.93 -18.04
N CYS C 252 19.85 -25.80 -18.44
CA CYS C 252 21.29 -25.77 -18.67
C CYS C 252 22.00 -25.91 -17.33
N ASP C 253 22.74 -27.01 -17.18
CA ASP C 253 23.46 -27.26 -15.93
C ASP C 253 24.37 -26.10 -15.57
N ARG C 254 24.21 -25.63 -14.34
CA ARG C 254 24.99 -24.55 -13.79
C ARG C 254 24.81 -24.64 -12.28
N PRO C 255 25.88 -24.98 -11.55
CA PRO C 255 25.86 -25.10 -10.10
C PRO C 255 24.99 -24.03 -9.44
N PRO C 256 23.75 -24.39 -9.06
CA PRO C 256 22.79 -23.48 -8.43
C PRO C 256 23.44 -22.20 -7.93
N SER C 257 24.25 -22.35 -6.88
CA SER C 257 24.96 -21.23 -6.26
C SER C 257 25.31 -20.10 -7.23
N TRP C 258 25.85 -20.48 -8.39
CA TRP C 258 26.22 -19.52 -9.42
C TRP C 258 25.10 -18.51 -9.53
N TYR C 259 23.94 -19.00 -9.95
CA TYR C 259 22.75 -18.18 -10.10
C TYR C 259 22.62 -17.13 -9.00
N LEU C 260 22.98 -17.51 -7.77
CA LEU C 260 22.91 -16.60 -6.64
C LEU C 260 23.88 -15.44 -6.83
N PHE C 261 25.16 -15.78 -6.87
CA PHE C 261 26.25 -14.82 -7.03
C PHE C 261 26.01 -13.80 -8.12
N GLN C 262 25.81 -14.28 -9.34
CA GLN C 262 25.56 -13.38 -10.43
C GLN C 262 24.46 -12.39 -10.01
N PHE C 263 23.35 -12.89 -9.46
CA PHE C 263 22.24 -12.03 -9.03
C PHE C 263 22.82 -10.99 -8.10
N HIS C 264 23.64 -11.45 -7.16
CA HIS C 264 24.26 -10.55 -6.20
C HIS C 264 24.96 -9.44 -6.96
N ARG C 265 25.87 -9.84 -7.85
CA ARG C 265 26.64 -8.93 -8.69
C ARG C 265 25.71 -7.93 -9.36
N LEU C 266 25.21 -8.31 -10.54
CA LEU C 266 24.33 -7.44 -11.30
C LEU C 266 23.40 -6.58 -10.46
N LEU C 267 23.12 -7.01 -9.24
CA LEU C 267 22.26 -6.20 -8.42
C LEU C 267 22.97 -4.88 -8.25
N GLN C 268 24.09 -4.91 -7.54
CA GLN C 268 24.87 -3.72 -7.27
C GLN C 268 24.97 -2.82 -8.50
N TYR C 269 25.05 -3.43 -9.68
CA TYR C 269 25.13 -2.65 -10.90
C TYR C 269 23.89 -1.79 -11.02
N ALA C 270 22.73 -2.47 -11.07
CA ALA C 270 21.42 -1.83 -11.22
C ALA C 270 21.03 -0.84 -10.14
N ARG C 271 21.73 -0.92 -9.00
CA ARG C 271 21.49 -0.05 -7.87
C ARG C 271 21.64 1.42 -8.26
N PRO C 272 20.83 2.31 -7.68
CA PRO C 272 20.76 3.76 -7.88
C PRO C 272 21.98 4.56 -7.45
N LYS C 273 22.30 5.61 -8.21
CA LYS C 273 23.44 6.46 -7.92
C LYS C 273 23.21 7.22 -6.62
N PRO C 274 23.93 6.82 -5.54
CA PRO C 274 23.85 7.42 -4.20
C PRO C 274 23.33 8.85 -4.15
N GLY C 275 22.31 9.05 -3.32
CA GLY C 275 21.70 10.36 -3.18
C GLY C 275 20.28 10.37 -3.71
N SER C 276 19.99 9.42 -4.58
CA SER C 276 18.66 9.29 -5.17
C SER C 276 17.76 8.55 -4.20
N PRO C 277 16.66 9.19 -3.76
CA PRO C 277 15.67 8.64 -2.82
C PRO C 277 14.88 7.46 -3.39
N GLY C 278 14.66 7.52 -4.70
CA GLY C 278 13.90 6.49 -5.40
C GLY C 278 13.67 5.15 -4.74
N PRO C 279 12.41 4.66 -4.77
CA PRO C 279 12.04 3.37 -4.19
C PRO C 279 12.65 2.31 -5.09
N PHE C 280 13.53 1.49 -4.54
CA PHE C 280 14.19 0.46 -5.32
C PHE C 280 14.13 -0.89 -4.61
N PHE C 281 13.55 -1.87 -5.28
CA PHE C 281 13.44 -3.16 -4.68
C PHE C 281 14.10 -4.30 -5.45
N TRP C 282 14.55 -5.30 -4.70
CA TRP C 282 15.15 -6.49 -5.27
C TRP C 282 14.45 -7.70 -4.63
N MET C 283 14.63 -8.89 -5.19
CA MET C 283 14.02 -10.10 -4.64
C MET C 283 14.59 -11.28 -5.40
N PHE C 284 15.08 -12.29 -4.68
CA PHE C 284 15.68 -13.46 -5.32
C PHE C 284 15.01 -14.71 -4.82
N VAL C 285 14.61 -15.57 -5.74
CA VAL C 285 13.90 -16.77 -5.38
C VAL C 285 14.56 -18.13 -5.63
N ASP C 286 14.59 -18.96 -4.60
CA ASP C 286 15.16 -20.29 -4.72
C ASP C 286 14.00 -21.28 -4.77
N ASN C 287 14.09 -22.27 -5.66
CA ASN C 287 13.05 -23.27 -5.74
C ASN C 287 13.52 -24.56 -5.10
N LEU C 288 13.97 -24.44 -3.85
CA LEU C 288 14.45 -25.55 -3.04
C LEU C 288 15.51 -26.30 -3.83
N VAL C 289 16.42 -25.57 -4.44
CA VAL C 289 17.45 -26.19 -5.24
C VAL C 289 18.84 -26.07 -4.62
N LEU C 290 19.02 -25.11 -3.73
CA LEU C 290 20.30 -24.94 -3.07
C LEU C 290 20.41 -25.82 -1.84
N ASN C 291 21.47 -26.63 -1.76
CA ASN C 291 21.65 -27.48 -0.60
C ASN C 291 21.98 -26.55 0.55
N LYS C 292 21.73 -26.96 1.78
CA LYS C 292 21.96 -26.09 2.92
C LYS C 292 23.28 -25.33 2.91
N GLU C 293 24.40 -26.04 2.86
CA GLU C 293 25.69 -25.34 2.85
C GLU C 293 25.59 -24.11 1.93
N ASP C 294 25.33 -24.36 0.65
CA ASP C 294 25.19 -23.32 -0.36
C ASP C 294 24.20 -22.26 0.11
N LEU C 295 23.00 -22.72 0.42
CA LEU C 295 21.94 -21.84 0.88
C LEU C 295 22.34 -20.95 2.06
N ASP C 296 23.00 -21.53 3.05
CA ASP C 296 23.43 -20.74 4.21
C ASP C 296 24.12 -19.48 3.72
N VAL C 297 25.06 -19.68 2.80
CA VAL C 297 25.81 -18.58 2.19
C VAL C 297 24.90 -17.45 1.76
N ALA C 298 24.18 -17.68 0.66
CA ALA C 298 23.26 -16.72 0.10
C ALA C 298 22.63 -15.80 1.14
N SER C 299 22.28 -16.35 2.28
CA SER C 299 21.67 -15.53 3.32
C SER C 299 22.68 -14.65 4.04
N ARG C 300 23.95 -14.85 3.69
CA ARG C 300 25.05 -14.07 4.23
C ARG C 300 25.27 -12.97 3.20
N PHE C 301 25.27 -13.39 1.94
CA PHE C 301 25.48 -12.48 0.82
C PHE C 301 24.34 -11.49 0.72
N LEU C 302 23.12 -12.01 0.76
CA LEU C 302 21.95 -11.15 0.66
C LEU C 302 21.56 -10.47 1.97
N GLU C 303 22.33 -10.72 3.02
CA GLU C 303 22.08 -10.10 4.31
C GLU C 303 20.64 -10.18 4.86
N MET C 304 20.14 -11.40 5.06
CA MET C 304 18.82 -11.65 5.60
C MET C 304 18.57 -13.13 5.47
N GLU C 305 17.85 -13.70 6.42
CA GLU C 305 17.55 -15.11 6.38
C GLU C 305 16.41 -15.38 5.39
N PRO C 306 16.43 -16.53 4.70
CA PRO C 306 15.38 -16.83 3.73
C PRO C 306 14.04 -16.90 4.39
N VAL C 307 13.02 -16.57 3.62
CA VAL C 307 11.65 -16.61 4.07
C VAL C 307 10.96 -17.66 3.23
N THR C 308 10.51 -18.74 3.85
CA THR C 308 9.84 -19.79 3.07
C THR C 308 8.35 -19.58 3.03
N ILE C 309 7.76 -19.80 1.85
CA ILE C 309 6.32 -19.69 1.67
C ILE C 309 5.95 -21.04 1.06
N PRO C 310 4.89 -21.67 1.59
CA PRO C 310 4.55 -22.96 1.02
C PRO C 310 3.16 -22.99 0.44
N ASP C 311 2.91 -24.01 -0.36
CA ASP C 311 1.61 -24.22 -0.96
C ASP C 311 1.05 -25.42 -0.24
N VAL C 312 -0.04 -25.21 0.45
CA VAL C 312 -0.67 -26.28 1.18
C VAL C 312 -2.06 -26.52 0.65
N HIS C 313 -2.39 -27.81 0.53
CA HIS C 313 -3.68 -28.27 0.05
C HIS C 313 -3.96 -29.55 0.82
N GLY C 314 -5.02 -29.53 1.62
CA GLY C 314 -5.37 -30.69 2.43
C GLY C 314 -4.41 -30.81 3.59
N GLY C 315 -4.11 -29.66 4.20
CA GLY C 315 -3.19 -29.63 5.33
C GLY C 315 -1.86 -30.28 5.01
N SER C 316 -1.60 -30.52 3.72
CA SER C 316 -0.34 -31.13 3.32
C SER C 316 0.51 -30.15 2.53
N LEU C 317 1.81 -30.41 2.48
CA LEU C 317 2.76 -29.56 1.77
C LEU C 317 2.90 -29.93 0.30
N GLN C 318 2.31 -29.12 -0.57
CA GLN C 318 2.36 -29.38 -1.99
C GLN C 318 3.65 -28.85 -2.60
N ASN C 319 3.91 -27.55 -2.44
CA ASN C 319 5.10 -26.93 -3.01
C ASN C 319 5.70 -25.90 -2.08
N ALA C 320 7.00 -25.68 -2.22
CA ALA C 320 7.67 -24.71 -1.37
C ALA C 320 8.39 -23.68 -2.20
N VAL C 321 9.15 -22.81 -1.54
CA VAL C 321 9.89 -21.75 -2.20
C VAL C 321 10.55 -20.85 -1.17
N ARG C 322 11.88 -20.78 -1.16
CA ARG C 322 12.57 -19.92 -0.21
C ARG C 322 12.80 -18.56 -0.86
N VAL C 323 12.65 -17.47 -0.10
CA VAL C 323 12.78 -16.14 -0.66
C VAL C 323 13.49 -15.04 0.13
N TRP C 324 14.15 -14.13 -0.60
CA TRP C 324 14.89 -12.99 -0.06
C TRP C 324 14.46 -11.71 -0.79
N SER C 325 14.20 -10.63 -0.06
CA SER C 325 13.79 -9.38 -0.70
C SER C 325 13.65 -8.23 0.26
N ASN C 326 13.64 -7.02 -0.30
CA ASN C 326 13.54 -5.84 0.54
C ASN C 326 12.14 -5.27 0.45
N ILE C 327 11.25 -6.03 -0.19
CA ILE C 327 9.87 -5.57 -0.34
C ILE C 327 9.15 -5.45 0.99
N PRO C 328 8.36 -4.38 1.16
CA PRO C 328 7.62 -4.21 2.40
C PRO C 328 6.80 -5.44 2.71
N ALA C 329 6.94 -5.88 3.97
CA ALA C 329 6.27 -7.04 4.54
C ALA C 329 6.36 -8.30 3.71
N ILE C 330 7.43 -9.06 3.89
CA ILE C 330 7.54 -10.31 3.17
C ILE C 330 7.80 -11.29 4.29
N ARG C 331 8.38 -10.78 5.37
CA ARG C 331 8.64 -11.62 6.51
C ARG C 331 7.26 -12.18 6.91
N SER C 332 6.22 -11.46 6.53
CA SER C 332 4.86 -11.88 6.84
C SER C 332 4.62 -13.29 6.38
N ARG C 333 4.71 -13.47 5.07
CA ARG C 333 4.46 -14.77 4.45
C ARG C 333 5.32 -15.96 4.91
N HIS C 334 6.07 -15.80 5.99
CA HIS C 334 6.92 -16.90 6.44
C HIS C 334 6.24 -17.94 7.30
N TRP C 335 6.30 -19.20 6.86
CA TRP C 335 5.70 -20.32 7.58
C TRP C 335 6.71 -21.13 8.38
N ALA C 336 6.95 -20.74 9.63
CA ALA C 336 7.92 -21.45 10.47
C ALA C 336 7.50 -22.92 10.65
N LEU C 337 6.23 -23.19 10.40
CA LEU C 337 5.67 -24.52 10.53
C LEU C 337 6.35 -25.53 9.61
N VAL C 338 6.50 -25.19 8.33
CA VAL C 338 7.12 -26.10 7.37
C VAL C 338 8.55 -26.38 7.84
N SER C 339 8.91 -27.65 7.92
CA SER C 339 10.23 -28.02 8.40
C SER C 339 11.25 -28.29 7.30
N GLU C 340 12.52 -28.08 7.65
CA GLU C 340 13.63 -28.29 6.73
C GLU C 340 13.59 -29.74 6.26
N GLU C 341 13.78 -30.65 7.20
CA GLU C 341 13.76 -32.06 6.87
C GLU C 341 12.41 -32.42 6.28
N GLU C 342 11.50 -31.45 6.28
CA GLU C 342 10.18 -31.65 5.70
C GLU C 342 10.22 -31.19 4.26
N LEU C 343 11.15 -30.29 3.98
CA LEU C 343 11.33 -29.77 2.65
C LEU C 343 12.10 -30.80 1.85
N SER C 344 13.16 -31.31 2.48
CA SER C 344 13.99 -32.31 1.86
C SER C 344 13.13 -33.33 1.12
N LEU C 345 12.22 -33.95 1.85
CA LEU C 345 11.34 -34.95 1.26
C LEU C 345 10.54 -34.36 0.12
N LEU C 346 10.09 -33.12 0.28
CA LEU C 346 9.32 -32.48 -0.78
C LEU C 346 10.18 -32.37 -2.03
N ALA C 347 11.46 -32.08 -1.84
CA ALA C 347 12.38 -31.94 -2.95
C ALA C 347 12.72 -33.32 -3.50
N GLN C 348 12.84 -34.30 -2.61
CA GLN C 348 13.15 -35.66 -3.01
C GLN C 348 12.09 -36.14 -3.99
N ASN C 349 10.84 -36.18 -3.54
CA ASN C 349 9.72 -36.61 -4.37
C ASN C 349 9.62 -35.76 -5.62
N LYS C 350 10.21 -34.56 -5.57
CA LYS C 350 10.18 -33.61 -6.68
C LYS C 350 11.04 -34.01 -7.89
N GLN C 351 12.20 -34.61 -7.64
CA GLN C 351 13.09 -35.01 -8.72
C GLN C 351 12.66 -36.34 -9.35
N SER C 352 12.32 -37.31 -8.50
CA SER C 352 11.89 -38.62 -8.96
C SER C 352 10.57 -38.57 -9.72
N SER C 353 10.61 -37.97 -10.91
CA SER C 353 9.45 -37.83 -11.78
C SER C 353 9.81 -36.95 -12.98
N LYS C 354 9.02 -37.03 -14.04
CA LYS C 354 9.23 -36.23 -15.26
C LYS C 354 8.48 -34.90 -15.16
N LEU C 355 8.57 -34.27 -13.99
CA LEU C 355 7.89 -33.00 -13.75
C LEU C 355 8.45 -31.86 -14.59
N ALA C 356 7.53 -31.12 -15.23
CA ALA C 356 7.89 -29.98 -16.06
C ALA C 356 8.37 -28.81 -15.21
N ALA C 357 9.12 -27.92 -15.86
CA ALA C 357 9.64 -26.73 -15.20
C ALA C 357 8.54 -25.72 -14.93
N LYS C 358 7.38 -26.21 -14.50
CA LYS C 358 6.29 -25.29 -14.20
C LYS C 358 6.85 -24.49 -13.04
N TRP C 359 7.04 -23.19 -13.25
CA TRP C 359 7.58 -22.37 -12.20
C TRP C 359 6.47 -21.89 -11.26
N PRO C 360 6.71 -21.95 -9.95
CA PRO C 360 5.80 -21.56 -8.86
C PRO C 360 5.28 -20.13 -8.89
N THR C 361 4.73 -19.70 -10.02
CA THR C 361 4.20 -18.36 -10.12
C THR C 361 3.35 -17.97 -8.91
N LYS C 362 2.21 -18.65 -8.79
CA LYS C 362 1.26 -18.40 -7.71
C LYS C 362 1.91 -18.02 -6.40
N LEU C 363 2.85 -18.83 -5.95
CA LEU C 363 3.56 -18.62 -4.70
C LEU C 363 3.99 -17.21 -4.35
N VAL C 364 4.80 -16.58 -5.20
CA VAL C 364 5.28 -15.21 -4.93
C VAL C 364 4.42 -14.11 -5.50
N LYS C 365 3.80 -14.41 -6.64
CA LYS C 365 2.94 -13.48 -7.37
C LYS C 365 2.31 -12.36 -6.52
N ASN C 366 1.69 -12.74 -5.42
CA ASN C 366 1.06 -11.75 -4.57
C ASN C 366 2.01 -11.00 -3.68
N CYS C 367 3.26 -11.43 -3.64
CA CYS C 367 4.22 -10.77 -2.78
C CYS C 367 4.48 -9.38 -3.27
N PHE C 368 4.11 -9.15 -4.54
CA PHE C 368 4.33 -7.87 -5.17
C PHE C 368 3.31 -6.82 -4.78
N LEU C 369 2.05 -7.21 -4.69
CA LEU C 369 0.96 -6.30 -4.31
C LEU C 369 1.34 -5.00 -3.61
N PRO C 370 2.15 -5.05 -2.54
CA PRO C 370 2.54 -3.84 -1.83
C PRO C 370 3.00 -2.75 -2.80
N LEU C 371 3.66 -3.17 -3.87
CA LEU C 371 4.17 -2.24 -4.87
C LEU C 371 3.07 -1.39 -5.45
N ARG C 372 1.84 -1.89 -5.45
CA ARG C 372 0.71 -1.11 -5.97
C ARG C 372 0.63 0.23 -5.24
N GLU C 373 1.16 0.26 -4.03
CA GLU C 373 1.16 1.47 -3.22
C GLU C 373 2.23 2.47 -3.67
N TYR C 374 3.25 1.94 -4.35
CA TYR C 374 4.39 2.74 -4.83
C TYR C 374 4.44 3.12 -6.31
N PHE C 375 3.93 2.28 -7.21
CA PHE C 375 3.99 2.65 -8.62
C PHE C 375 2.64 2.74 -9.30
N LYS C 376 2.65 2.85 -10.62
CA LYS C 376 1.42 3.00 -11.39
C LYS C 376 0.77 1.66 -11.70
N TYR C 377 -0.56 1.63 -11.52
CA TYR C 377 -1.40 0.46 -11.77
C TYR C 377 -2.17 0.66 -13.07
N PHE C 378 -2.17 -0.36 -13.92
CA PHE C 378 -2.84 -0.29 -15.20
C PHE C 378 -4.10 -1.15 -15.28
N SER C 379 -5.22 -0.48 -15.47
CA SER C 379 -6.51 -1.15 -15.58
C SER C 379 -6.45 -2.26 -16.63
N THR C 380 -6.47 -3.50 -16.17
CA THR C 380 -6.40 -4.67 -17.05
C THR C 380 -7.56 -4.69 -18.06
N ALA D 1 -20.06 1.49 -3.53
CA ALA D 1 -18.95 0.78 -2.93
C ALA D 1 -19.30 -0.69 -2.75
N ARG D 2 -18.28 -1.52 -2.58
CA ARG D 2 -18.47 -2.95 -2.39
C ARG D 2 -18.02 -3.37 -0.99
N THR D 3 -18.11 -4.68 -0.73
CA THR D 3 -17.74 -5.23 0.56
C THR D 3 -16.99 -6.56 0.40
N LYS D 4 -16.17 -6.91 1.39
CA LYS D 4 -15.42 -8.17 1.34
C LYS D 4 -15.00 -8.64 2.72
N GLN D 5 -14.53 -9.89 2.79
CA GLN D 5 -14.07 -10.50 4.03
C GLN D 5 -12.85 -11.38 3.78
N THR D 6 -11.91 -11.37 4.72
CA THR D 6 -10.69 -12.17 4.63
C THR D 6 -9.94 -12.16 5.96
N ALA D 7 -9.32 -13.29 6.30
CA ALA D 7 -8.56 -13.40 7.55
C ALA D 7 -7.29 -14.23 7.38
N GLY E 34 -29.32 14.53 18.79
CA GLY E 34 -28.26 13.67 19.40
C GLY E 34 -28.69 12.22 19.57
N ARG E 35 -29.18 11.63 18.49
CA ARG E 35 -29.66 10.23 18.49
C ARG E 35 -28.55 9.25 18.81
N ASP E 36 -27.36 9.77 19.12
CA ASP E 36 -26.23 8.90 19.41
C ASP E 36 -25.87 8.79 20.89
N LEU E 37 -25.55 9.94 21.50
CA LEU E 37 -25.15 9.98 22.91
C LEU E 37 -25.91 9.02 23.81
N ILE E 38 -27.14 8.69 23.42
CA ILE E 38 -27.94 7.79 24.23
C ILE E 38 -27.18 6.54 24.64
N ALA E 39 -26.48 5.93 23.68
CA ALA E 39 -25.71 4.72 23.94
C ALA E 39 -24.73 4.91 25.10
N TYR E 40 -24.42 6.17 25.39
CA TYR E 40 -23.50 6.52 26.46
C TYR E 40 -24.26 6.48 27.77
N GLU E 41 -25.40 7.17 27.77
CA GLU E 41 -26.25 7.26 28.95
C GLU E 41 -26.67 5.89 29.44
N VAL E 42 -26.78 4.95 28.52
CA VAL E 42 -27.19 3.59 28.83
C VAL E 42 -26.09 2.72 29.44
N LYS E 43 -24.85 2.93 29.01
CA LYS E 43 -23.72 2.14 29.50
C LYS E 43 -22.77 2.95 30.39
N ALA E 44 -22.88 4.27 30.34
CA ALA E 44 -22.00 5.13 31.11
C ALA E 44 -22.57 5.64 32.43
N ASN E 45 -23.77 6.24 32.38
CA ASN E 45 -24.42 6.78 33.58
C ASN E 45 -25.47 5.86 34.21
N GLN E 46 -25.61 4.67 33.65
CA GLN E 46 -26.55 3.65 34.15
C GLN E 46 -28.03 3.97 34.01
N ARG E 47 -28.38 5.04 33.29
CA ARG E 47 -29.76 5.42 33.09
C ARG E 47 -30.56 4.25 32.52
N ASN E 48 -31.77 4.52 32.06
CA ASN E 48 -32.60 3.46 31.48
C ASN E 48 -33.30 3.99 30.22
N ILE E 49 -33.31 3.15 29.18
CA ILE E 49 -33.94 3.52 27.92
C ILE E 49 -35.26 4.25 28.13
N GLU E 50 -36.00 3.83 29.14
CA GLU E 50 -37.28 4.44 29.46
C GLU E 50 -37.10 5.92 29.75
N ASP E 51 -36.00 6.24 30.44
CA ASP E 51 -35.69 7.60 30.84
C ASP E 51 -35.01 8.50 29.80
N ILE E 52 -35.12 8.13 28.53
CA ILE E 52 -34.53 8.92 27.45
C ILE E 52 -35.23 8.69 26.12
N CYS E 53 -35.75 9.76 25.54
CA CYS E 53 -36.45 9.66 24.27
C CYS E 53 -35.64 8.76 23.32
N ILE E 54 -36.01 7.49 23.24
CA ILE E 54 -35.28 6.59 22.35
C ILE E 54 -35.70 6.92 20.93
N CYS E 55 -36.19 8.14 20.76
CA CYS E 55 -36.63 8.60 19.46
C CYS E 55 -35.73 9.77 19.06
N CYS E 56 -35.71 10.82 19.88
CA CYS E 56 -34.89 11.99 19.61
C CYS E 56 -33.67 12.01 20.52
N GLY E 57 -33.73 11.21 21.59
CA GLY E 57 -32.62 11.15 22.53
C GLY E 57 -32.81 12.15 23.65
N SER E 58 -33.98 12.76 23.70
CA SER E 58 -34.31 13.75 24.72
C SER E 58 -34.38 13.11 26.11
N LEU E 59 -34.32 13.96 27.15
CA LEU E 59 -34.37 13.49 28.54
C LEU E 59 -35.68 13.83 29.27
N GLN E 60 -36.49 14.69 28.66
CA GLN E 60 -37.77 15.09 29.24
C GLN E 60 -38.87 14.12 28.80
N VAL E 61 -38.81 12.89 29.29
CA VAL E 61 -39.80 11.88 28.93
C VAL E 61 -41.22 12.40 29.14
N HIS E 62 -42.21 11.60 28.71
CA HIS E 62 -43.60 11.98 28.84
C HIS E 62 -44.45 10.74 29.09
N THR E 63 -44.11 9.66 28.41
CA THR E 63 -44.82 8.39 28.56
C THR E 63 -43.79 7.28 28.37
N GLN E 64 -44.19 6.16 27.75
CA GLN E 64 -43.26 5.07 27.50
C GLN E 64 -43.47 4.55 26.08
N HIS E 65 -42.39 4.46 25.32
CA HIS E 65 -42.49 3.99 23.95
C HIS E 65 -43.19 2.63 23.92
N PRO E 66 -44.13 2.48 22.99
CA PRO E 66 -44.93 1.27 22.78
C PRO E 66 -44.13 0.02 22.43
N LEU E 67 -43.77 -0.08 21.15
CA LEU E 67 -43.05 -1.23 20.62
C LEU E 67 -41.76 -1.68 21.31
N PHE E 68 -40.72 -0.86 21.28
CA PHE E 68 -39.44 -1.23 21.90
C PHE E 68 -39.16 -0.59 23.26
N GLU E 69 -38.55 -1.37 24.15
CA GLU E 69 -38.25 -0.89 25.49
C GLU E 69 -37.54 0.45 25.50
N GLY E 70 -38.27 1.47 25.93
CA GLY E 70 -37.73 2.81 25.99
C GLY E 70 -38.84 3.83 26.09
N GLY E 71 -38.52 5.03 26.58
CA GLY E 71 -39.55 6.04 26.72
C GLY E 71 -39.77 6.88 25.48
N ILE E 72 -40.32 8.08 25.68
CA ILE E 72 -40.59 9.04 24.62
C ILE E 72 -40.80 10.41 25.28
N CYS E 73 -41.00 11.45 24.46
CA CYS E 73 -41.24 12.80 24.95
C CYS E 73 -42.30 13.49 24.10
N ALA E 74 -42.63 14.73 24.47
CA ALA E 74 -43.65 15.51 23.78
C ALA E 74 -43.67 15.43 22.24
N PRO E 75 -42.77 16.15 21.55
CA PRO E 75 -42.76 16.10 20.08
C PRO E 75 -43.02 14.71 19.52
N CYS E 76 -42.11 13.78 19.81
CA CYS E 76 -42.20 12.40 19.34
C CYS E 76 -43.61 11.84 19.49
N LYS E 77 -44.23 12.09 20.65
CA LYS E 77 -45.59 11.61 20.88
C LYS E 77 -46.43 11.96 19.66
N ASP E 78 -46.73 13.25 19.52
CA ASP E 78 -47.52 13.77 18.41
C ASP E 78 -47.13 13.07 17.11
N LYS E 79 -45.99 13.51 16.57
CA LYS E 79 -45.45 13.00 15.32
C LYS E 79 -45.76 11.52 15.08
N PHE E 80 -45.50 10.68 16.08
CA PHE E 80 -45.76 9.26 15.91
C PHE E 80 -47.19 9.01 15.48
N LEU E 81 -48.12 9.27 16.40
CA LEU E 81 -49.53 9.07 16.15
C LEU E 81 -50.01 9.71 14.83
N ASP E 82 -49.23 10.65 14.31
CA ASP E 82 -49.61 11.29 13.05
C ASP E 82 -49.46 10.27 11.93
N ALA E 83 -48.52 9.36 12.09
CA ALA E 83 -48.28 8.32 11.10
C ALA E 83 -48.30 6.97 11.79
N LEU E 84 -49.48 6.39 11.92
CA LEU E 84 -49.62 5.10 12.60
C LEU E 84 -49.95 3.95 11.68
N PHE E 85 -50.77 4.19 10.66
CA PHE E 85 -51.12 3.14 9.72
C PHE E 85 -51.01 3.65 8.30
N LEU E 86 -50.17 4.68 8.16
CA LEU E 86 -49.92 5.32 6.90
C LEU E 86 -49.12 4.38 6.01
N TYR E 87 -49.48 4.30 4.74
CA TYR E 87 -48.81 3.42 3.78
C TYR E 87 -48.43 4.19 2.51
N ASP E 88 -47.99 3.47 1.48
CA ASP E 88 -47.61 4.05 0.20
C ASP E 88 -47.91 3.07 -0.93
N ASP E 89 -48.17 3.58 -2.12
CA ASP E 89 -48.51 2.73 -3.26
C ASP E 89 -47.83 1.36 -3.29
N ASP E 90 -46.54 1.35 -2.95
CA ASP E 90 -45.75 0.12 -2.91
C ASP E 90 -46.38 -0.94 -1.99
N GLY E 91 -46.93 -0.48 -0.88
CA GLY E 91 -47.56 -1.38 0.06
C GLY E 91 -46.82 -1.61 1.36
N TYR E 92 -45.99 -0.64 1.76
CA TYR E 92 -45.21 -0.76 2.98
C TYR E 92 -45.34 0.48 3.87
N GLN E 93 -44.79 0.43 5.07
CA GLN E 93 -44.86 1.55 6.01
C GLN E 93 -44.46 2.85 5.35
N SER E 94 -44.72 3.95 6.04
CA SER E 94 -44.40 5.27 5.52
C SER E 94 -43.22 5.84 6.29
N TYR E 95 -43.40 6.02 7.59
CA TYR E 95 -42.31 6.56 8.40
C TYR E 95 -41.67 5.43 9.19
N CYS E 96 -40.87 5.81 10.18
CA CYS E 96 -40.17 4.81 10.97
C CYS E 96 -40.85 4.34 12.23
N SER E 97 -40.74 3.03 12.46
CA SER E 97 -41.33 2.36 13.61
C SER E 97 -40.78 2.86 14.93
N ILE E 98 -39.63 3.53 14.91
CA ILE E 98 -39.05 4.03 16.15
C ILE E 98 -39.02 5.54 16.21
N CYS E 99 -38.82 6.16 15.05
CA CYS E 99 -38.71 7.62 14.92
C CYS E 99 -39.76 8.33 14.05
N CYS E 100 -40.06 7.75 12.88
CA CYS E 100 -41.04 8.30 11.95
C CYS E 100 -40.46 9.24 10.91
N SER E 101 -39.34 8.84 10.31
CA SER E 101 -38.71 9.64 9.27
C SER E 101 -38.98 8.98 7.91
N GLY E 102 -39.26 9.78 6.89
CA GLY E 102 -39.52 9.22 5.57
C GLY E 102 -38.34 9.36 4.65
N GLU E 103 -37.19 9.73 5.21
CA GLU E 103 -35.97 9.95 4.45
C GLU E 103 -35.20 8.71 4.00
N THR E 104 -35.29 7.63 4.78
CA THR E 104 -34.56 6.43 4.41
C THR E 104 -34.98 5.26 5.30
N LEU E 105 -35.44 4.17 4.69
CA LEU E 105 -35.91 3.02 5.47
C LEU E 105 -35.49 1.64 4.96
N LEU E 106 -35.38 0.70 5.88
CA LEU E 106 -35.00 -0.67 5.58
C LEU E 106 -36.22 -1.59 5.63
N ILE E 107 -36.54 -2.22 4.52
CA ILE E 107 -37.68 -3.12 4.41
C ILE E 107 -37.46 -4.50 5.03
N CYS E 108 -38.54 -5.13 5.51
CA CYS E 108 -38.45 -6.46 6.09
C CYS E 108 -38.69 -7.48 4.97
N GLY E 109 -37.91 -8.54 4.98
CA GLY E 109 -38.03 -9.56 3.96
C GLY E 109 -39.09 -10.62 4.18
N ASN E 110 -39.95 -10.43 5.18
CA ASN E 110 -41.01 -11.40 5.46
C ASN E 110 -42.22 -11.02 4.62
N PRO E 111 -42.61 -11.89 3.66
CA PRO E 111 -43.76 -11.62 2.80
C PRO E 111 -44.97 -11.12 3.59
N ASP E 112 -45.04 -11.54 4.85
CA ASP E 112 -46.15 -11.18 5.75
C ASP E 112 -45.95 -9.82 6.42
N CYS E 113 -44.71 -9.37 6.54
CA CYS E 113 -44.47 -8.09 7.20
C CYS E 113 -44.35 -6.89 6.28
N THR E 114 -44.62 -5.72 6.84
CA THR E 114 -44.55 -4.47 6.11
C THR E 114 -44.20 -3.34 7.07
N ARG E 115 -43.12 -3.52 7.82
CA ARG E 115 -42.67 -2.48 8.76
C ARG E 115 -41.30 -2.00 8.29
N CYS E 116 -40.99 -0.72 8.53
CA CYS E 116 -39.71 -0.20 8.08
C CYS E 116 -39.03 0.74 9.08
N TYR E 117 -37.71 0.58 9.19
CA TYR E 117 -36.90 1.37 10.11
C TYR E 117 -35.84 2.19 9.38
N CYS E 118 -35.39 3.22 10.07
CA CYS E 118 -34.38 4.11 9.53
C CYS E 118 -33.04 3.46 9.34
N PHE E 119 -32.04 4.32 9.24
CA PHE E 119 -30.66 3.94 9.11
C PHE E 119 -30.10 4.44 10.43
N GLU E 120 -30.16 5.76 10.59
CA GLU E 120 -29.68 6.42 11.79
C GLU E 120 -30.10 5.70 13.05
N CYS E 121 -31.37 5.31 13.11
CA CYS E 121 -31.86 4.62 14.30
C CYS E 121 -31.11 3.33 14.58
N VAL E 122 -31.19 2.37 13.66
CA VAL E 122 -30.50 1.11 13.86
C VAL E 122 -29.12 1.31 14.49
N ASP E 123 -28.25 2.03 13.78
CA ASP E 123 -26.88 2.28 14.25
C ASP E 123 -26.78 2.91 15.63
N SER E 124 -27.76 3.74 16.01
CA SER E 124 -27.74 4.40 17.31
C SER E 124 -28.21 3.53 18.48
N LEU E 125 -28.95 2.47 18.17
CA LEU E 125 -29.44 1.57 19.19
C LEU E 125 -28.74 0.22 19.13
N VAL E 126 -29.08 -0.57 18.12
CA VAL E 126 -28.51 -1.90 17.93
C VAL E 126 -26.98 -1.88 18.10
N GLY E 127 -26.35 -0.84 17.56
CA GLY E 127 -24.92 -0.71 17.64
C GLY E 127 -24.32 -0.30 16.31
N PRO E 128 -23.46 0.72 16.29
CA PRO E 128 -22.84 1.19 15.05
C PRO E 128 -22.39 0.06 14.15
N GLY E 129 -22.62 0.23 12.85
CA GLY E 129 -22.22 -0.77 11.88
C GLY E 129 -23.35 -1.62 11.35
N THR E 130 -24.47 -1.63 12.04
CA THR E 130 -25.60 -2.45 11.63
C THR E 130 -26.18 -2.08 10.28
N SER E 131 -26.56 -0.81 10.13
CA SER E 131 -27.14 -0.32 8.88
C SER E 131 -26.54 -1.00 7.66
N GLY E 132 -25.24 -1.24 7.72
CA GLY E 132 -24.59 -1.90 6.61
C GLY E 132 -24.95 -3.36 6.64
N LYS E 133 -24.43 -4.06 7.66
CA LYS E 133 -24.65 -5.51 7.82
C LYS E 133 -26.08 -5.89 7.45
N VAL E 134 -27.00 -4.97 7.69
CA VAL E 134 -28.42 -5.15 7.39
C VAL E 134 -28.63 -5.01 5.88
N HIS E 135 -28.16 -3.89 5.34
CA HIS E 135 -28.28 -3.63 3.91
C HIS E 135 -27.45 -4.67 3.17
N ALA E 136 -26.76 -5.51 3.93
CA ALA E 136 -25.89 -6.54 3.36
C ALA E 136 -26.59 -7.85 3.00
N MET E 137 -27.74 -8.10 3.61
CA MET E 137 -28.47 -9.35 3.38
C MET E 137 -29.55 -9.23 2.31
N SER E 138 -30.12 -10.38 1.97
CA SER E 138 -31.20 -10.45 0.99
C SER E 138 -32.43 -11.06 1.68
N ASN E 139 -32.18 -11.85 2.73
CA ASN E 139 -33.23 -12.51 3.49
C ASN E 139 -33.30 -11.92 4.89
N TRP E 140 -33.47 -10.61 5.01
CA TRP E 140 -33.53 -10.01 6.34
C TRP E 140 -34.90 -10.07 6.98
N VAL E 141 -34.89 -10.20 8.30
CA VAL E 141 -36.10 -10.26 9.12
C VAL E 141 -35.97 -9.15 10.17
N CYS E 142 -36.91 -8.23 10.20
CA CYS E 142 -36.85 -7.11 11.13
C CYS E 142 -36.66 -7.53 12.57
N TYR E 143 -36.96 -6.64 13.52
CA TYR E 143 -36.78 -6.95 14.92
C TYR E 143 -38.01 -7.59 15.54
N LEU E 144 -39.17 -7.17 15.07
CA LEU E 144 -40.44 -7.71 15.56
C LEU E 144 -40.79 -8.96 14.77
N CYS E 145 -40.55 -8.93 13.46
CA CYS E 145 -40.83 -10.05 12.57
C CYS E 145 -40.19 -11.35 13.06
N LEU E 146 -39.17 -11.25 13.91
CA LEU E 146 -38.49 -12.43 14.43
C LEU E 146 -38.51 -12.49 15.97
N PRO E 147 -38.46 -13.71 16.54
CA PRO E 147 -38.48 -13.99 17.98
C PRO E 147 -37.16 -13.85 18.74
N SER E 148 -37.09 -12.80 19.55
CA SER E 148 -35.92 -12.51 20.38
C SER E 148 -36.21 -11.16 21.04
N SER E 149 -35.62 -10.94 22.21
CA SER E 149 -35.86 -9.70 22.93
C SER E 149 -34.83 -8.59 22.72
N ARG E 150 -33.59 -8.83 23.12
CA ARG E 150 -32.54 -7.80 23.01
C ARG E 150 -31.47 -7.96 21.92
N SER E 151 -31.30 -6.88 21.15
CA SER E 151 -30.28 -6.80 20.10
C SER E 151 -29.59 -5.48 20.38
N GLY E 152 -28.38 -5.53 20.92
CA GLY E 152 -27.69 -4.30 21.24
C GLY E 152 -28.42 -3.60 22.38
N LEU E 153 -29.24 -2.61 22.06
CA LEU E 153 -30.00 -1.88 23.07
C LEU E 153 -31.47 -1.79 22.68
N LEU E 154 -31.87 -2.67 21.77
CA LEU E 154 -33.25 -2.69 21.31
C LEU E 154 -34.02 -3.79 22.01
N GLN E 155 -35.13 -3.44 22.63
CA GLN E 155 -35.95 -4.41 23.34
C GLN E 155 -37.41 -4.39 22.90
N ARG E 156 -37.87 -5.49 22.34
CA ARG E 156 -39.24 -5.62 21.87
C ARG E 156 -40.13 -6.06 23.03
N ARG E 157 -40.84 -5.10 23.63
CA ARG E 157 -41.74 -5.37 24.76
C ARG E 157 -42.48 -6.70 24.61
N ARG E 158 -42.62 -7.44 25.70
CA ARG E 158 -43.35 -8.69 25.64
C ARG E 158 -44.82 -8.31 25.47
N LYS E 159 -45.30 -8.50 24.25
CA LYS E 159 -46.67 -8.16 23.87
C LYS E 159 -46.91 -6.65 23.86
N TRP E 160 -46.47 -6.06 22.76
CA TRP E 160 -46.57 -4.62 22.48
C TRP E 160 -47.89 -4.34 21.78
N ARG E 161 -48.32 -5.28 20.94
CA ARG E 161 -49.56 -5.14 20.20
C ARG E 161 -50.58 -4.45 21.09
N SER E 162 -50.61 -4.87 22.35
CA SER E 162 -51.51 -4.28 23.32
C SER E 162 -51.01 -2.87 23.60
N GLN E 163 -49.77 -2.77 24.11
CA GLN E 163 -49.15 -1.48 24.42
C GLN E 163 -49.45 -0.46 23.33
N LEU E 164 -49.68 -0.93 22.12
CA LEU E 164 -49.98 -0.07 20.98
C LEU E 164 -51.37 0.52 21.18
N LYS E 165 -52.37 -0.35 21.17
CA LYS E 165 -53.75 0.06 21.35
C LYS E 165 -53.85 1.03 22.52
N ALA E 166 -53.62 0.51 23.73
CA ALA E 166 -53.69 1.32 24.95
C ALA E 166 -52.93 2.63 24.80
N PHE E 167 -51.90 2.63 23.96
CA PHE E 167 -51.10 3.83 23.72
C PHE E 167 -51.95 4.79 22.90
N TYR E 168 -52.65 4.24 21.92
CA TYR E 168 -53.52 5.01 21.04
C TYR E 168 -54.57 5.75 21.87
N ASP E 169 -55.37 4.98 22.60
CA ASP E 169 -56.44 5.52 23.44
C ASP E 169 -55.96 6.48 24.52
N ARG E 170 -54.95 6.04 25.27
CA ARG E 170 -54.40 6.83 26.36
C ARG E 170 -53.79 8.18 25.98
N GLU E 171 -53.13 8.23 24.83
CA GLU E 171 -52.48 9.48 24.40
C GLU E 171 -53.25 10.37 23.43
N SER E 172 -53.83 9.80 22.39
CA SER E 172 -54.58 10.61 21.43
C SER E 172 -55.68 11.32 22.19
N GLU E 173 -55.84 12.62 21.96
CA GLU E 173 -56.86 13.40 22.66
C GLU E 173 -58.25 12.75 22.63
N ASN E 174 -58.66 12.24 21.48
CA ASN E 174 -59.96 11.58 21.35
C ASN E 174 -59.86 10.29 20.54
N PRO E 175 -59.67 9.15 21.23
CA PRO E 175 -59.54 7.84 20.59
C PRO E 175 -60.58 7.57 19.53
N LEU E 176 -60.55 6.36 18.97
CA LEU E 176 -61.48 5.93 17.94
C LEU E 176 -61.48 4.41 17.88
N GLU E 177 -62.24 3.85 16.94
CA GLU E 177 -62.31 2.39 16.80
C GLU E 177 -60.97 1.80 16.38
N MET E 178 -60.26 1.23 17.35
CA MET E 178 -58.96 0.62 17.11
C MET E 178 -58.93 -0.85 17.55
N PHE E 179 -59.16 -1.76 16.60
CA PHE E 179 -59.15 -3.19 16.92
C PHE E 179 -57.71 -3.63 17.09
N GLU E 180 -57.42 -4.39 18.16
CA GLU E 180 -56.06 -4.86 18.42
C GLU E 180 -55.49 -5.55 17.18
N THR E 181 -54.19 -5.37 16.93
CA THR E 181 -53.50 -5.95 15.78
C THR E 181 -53.62 -7.49 15.75
N VAL E 182 -52.96 -8.12 14.79
CA VAL E 182 -53.03 -9.59 14.68
C VAL E 182 -51.66 -10.22 14.38
N PRO E 183 -51.29 -11.27 15.14
CA PRO E 183 -50.01 -11.99 14.96
C PRO E 183 -49.96 -12.81 13.66
N VAL E 184 -48.74 -13.05 13.19
CA VAL E 184 -48.51 -13.79 11.94
C VAL E 184 -49.20 -15.16 11.78
N TRP E 185 -49.30 -15.93 12.86
CA TRP E 185 -49.93 -17.24 12.77
C TRP E 185 -51.42 -17.18 13.10
N ARG E 186 -51.83 -16.15 13.85
CA ARG E 186 -53.23 -15.96 14.25
C ARG E 186 -54.09 -15.34 13.14
N ARG E 187 -53.48 -14.70 12.15
CA ARG E 187 -54.23 -14.08 11.05
C ARG E 187 -54.86 -15.17 10.20
N GLN E 188 -56.10 -14.95 9.77
CA GLN E 188 -56.80 -15.93 8.94
C GLN E 188 -57.26 -15.30 7.64
N PRO E 189 -57.70 -16.13 6.66
CA PRO E 189 -58.18 -15.65 5.36
C PRO E 189 -59.10 -14.44 5.47
N VAL E 190 -59.48 -13.89 4.32
CA VAL E 190 -60.36 -12.74 4.32
C VAL E 190 -61.77 -13.12 3.88
N ARG E 191 -62.75 -12.54 4.58
CA ARG E 191 -64.15 -12.78 4.30
C ARG E 191 -64.81 -11.41 4.20
N VAL E 192 -65.33 -11.09 3.02
CA VAL E 192 -65.93 -9.76 2.81
C VAL E 192 -67.22 -9.67 2.00
N LEU E 193 -68.00 -8.65 2.35
CA LEU E 193 -69.27 -8.36 1.72
C LEU E 193 -69.17 -7.11 0.87
N SER E 194 -69.41 -7.28 -0.43
CA SER E 194 -69.35 -6.17 -1.38
C SER E 194 -70.74 -5.93 -1.94
N LEU E 195 -71.34 -4.79 -1.60
CA LEU E 195 -72.67 -4.49 -2.08
C LEU E 195 -72.68 -3.49 -3.23
N PHE E 196 -73.45 -3.82 -4.26
CA PHE E 196 -73.64 -2.95 -5.42
C PHE E 196 -72.46 -2.89 -6.39
N GLU E 197 -71.34 -3.47 -6.02
CA GLU E 197 -70.15 -3.48 -6.88
C GLU E 197 -69.23 -4.64 -6.51
N ASP E 198 -68.26 -4.92 -7.36
CA ASP E 198 -67.31 -6.01 -7.12
C ASP E 198 -65.94 -5.46 -6.77
N ILE E 199 -65.46 -5.85 -5.60
CA ILE E 199 -64.15 -5.40 -5.12
C ILE E 199 -63.18 -6.56 -5.21
N LYS E 200 -63.56 -7.58 -5.96
CA LYS E 200 -62.72 -8.76 -6.14
C LYS E 200 -61.42 -8.33 -6.80
N LYS E 201 -61.50 -8.01 -8.08
CA LYS E 201 -60.35 -7.56 -8.86
C LYS E 201 -59.48 -6.58 -8.07
N GLU E 202 -60.13 -5.68 -7.33
CA GLU E 202 -59.42 -4.67 -6.55
C GLU E 202 -58.78 -5.20 -5.27
N LEU E 203 -59.08 -6.45 -4.91
CA LEU E 203 -58.51 -7.03 -3.70
C LEU E 203 -57.75 -8.31 -4.02
N THR E 204 -57.61 -8.61 -5.31
CA THR E 204 -56.87 -9.79 -5.76
C THR E 204 -55.43 -9.31 -5.90
N SER E 205 -55.27 -8.16 -6.55
CA SER E 205 -53.96 -7.58 -6.77
C SER E 205 -53.48 -6.72 -5.61
N LEU E 206 -54.36 -6.45 -4.64
CA LEU E 206 -53.94 -5.65 -3.49
C LEU E 206 -53.31 -6.59 -2.47
N GLY E 207 -53.72 -7.86 -2.50
CA GLY E 207 -53.13 -8.83 -1.59
C GLY E 207 -53.99 -9.73 -0.71
N PHE E 208 -55.28 -9.45 -0.56
CA PHE E 208 -56.12 -10.27 0.32
C PHE E 208 -56.86 -11.43 -0.33
N LEU E 209 -56.83 -11.52 -1.65
CA LEU E 209 -57.53 -12.61 -2.33
C LEU E 209 -56.65 -13.58 -3.11
N GLU E 210 -57.09 -14.83 -3.20
CA GLU E 210 -56.37 -15.86 -3.92
C GLU E 210 -56.68 -15.83 -5.41
N SER E 211 -55.64 -16.00 -6.23
CA SER E 211 -55.79 -15.99 -7.68
C SER E 211 -56.84 -16.97 -8.18
N GLY E 212 -56.89 -18.15 -7.57
CA GLY E 212 -57.87 -19.16 -7.98
C GLY E 212 -59.29 -18.78 -7.56
N SER E 213 -60.13 -18.52 -8.56
CA SER E 213 -61.53 -18.13 -8.32
C SER E 213 -62.47 -19.34 -8.27
N ASP E 214 -62.36 -20.10 -7.19
CA ASP E 214 -63.20 -21.29 -7.01
C ASP E 214 -64.25 -21.05 -5.91
N PRO E 215 -63.81 -20.73 -4.67
CA PRO E 215 -64.78 -20.48 -3.59
C PRO E 215 -65.49 -19.12 -3.68
N GLY E 216 -64.70 -18.04 -3.75
CA GLY E 216 -65.27 -16.70 -3.82
C GLY E 216 -65.64 -16.20 -2.44
N GLN E 217 -64.63 -16.11 -1.57
CA GLN E 217 -64.79 -15.67 -0.18
C GLN E 217 -65.26 -14.22 -0.05
N LEU E 218 -65.73 -13.68 -1.16
CA LEU E 218 -66.24 -12.32 -1.23
C LEU E 218 -67.61 -12.45 -1.88
N LYS E 219 -68.55 -11.57 -1.53
CA LYS E 219 -69.86 -11.67 -2.14
C LYS E 219 -70.40 -10.40 -2.80
N HIS E 220 -70.71 -10.54 -4.10
CA HIS E 220 -71.22 -9.46 -4.94
C HIS E 220 -72.74 -9.57 -5.03
N VAL E 221 -73.44 -8.57 -4.51
CA VAL E 221 -74.89 -8.57 -4.56
C VAL E 221 -75.38 -7.21 -5.02
N VAL E 222 -76.37 -7.20 -5.90
CA VAL E 222 -76.91 -5.95 -6.45
C VAL E 222 -78.25 -5.52 -5.84
N ASP E 223 -79.17 -6.47 -5.68
CA ASP E 223 -80.49 -6.18 -5.11
C ASP E 223 -80.60 -6.76 -3.70
N VAL E 224 -80.77 -5.89 -2.71
CA VAL E 224 -80.85 -6.33 -1.32
C VAL E 224 -82.18 -6.09 -0.60
N THR E 225 -83.22 -5.70 -1.32
CA THR E 225 -84.51 -5.49 -0.68
C THR E 225 -85.21 -6.81 -0.41
N ASP E 226 -84.84 -7.84 -1.19
CA ASP E 226 -85.43 -9.17 -1.05
C ASP E 226 -84.47 -10.18 -0.42
N THR E 227 -83.80 -9.75 0.65
CA THR E 227 -82.86 -10.57 1.40
C THR E 227 -83.04 -10.12 2.85
N VAL E 228 -82.97 -11.05 3.81
CA VAL E 228 -83.17 -10.69 5.21
C VAL E 228 -82.04 -11.08 6.17
N ARG E 229 -82.12 -10.56 7.40
CA ARG E 229 -81.16 -10.83 8.45
C ARG E 229 -80.95 -12.33 8.67
N LYS E 230 -81.54 -13.16 7.80
CA LYS E 230 -81.39 -14.60 7.89
C LYS E 230 -80.57 -15.12 6.72
N ASP E 231 -80.37 -14.26 5.73
CA ASP E 231 -79.58 -14.63 4.56
C ASP E 231 -78.10 -14.33 4.81
N VAL E 232 -77.81 -13.10 5.24
CA VAL E 232 -76.44 -12.68 5.54
C VAL E 232 -75.75 -13.74 6.41
N GLU E 233 -76.13 -13.80 7.68
CA GLU E 233 -75.57 -14.75 8.65
C GLU E 233 -75.23 -16.10 8.03
N GLU E 234 -76.05 -16.55 7.08
CA GLU E 234 -75.88 -17.84 6.44
C GLU E 234 -74.67 -17.95 5.50
N TRP E 235 -74.43 -16.91 4.71
CA TRP E 235 -73.31 -16.90 3.77
C TRP E 235 -71.93 -16.83 4.44
N GLY E 236 -71.75 -17.53 5.56
CA GLY E 236 -70.47 -17.50 6.27
C GLY E 236 -70.30 -16.14 6.94
N PRO E 237 -69.87 -16.08 8.21
CA PRO E 237 -69.69 -14.79 8.92
C PRO E 237 -68.84 -13.78 8.14
N PHE E 238 -68.99 -12.48 8.44
CA PHE E 238 -68.26 -11.44 7.72
C PHE E 238 -67.33 -10.50 8.54
N ASP E 239 -66.19 -10.17 7.94
CA ASP E 239 -65.15 -9.30 8.53
C ASP E 239 -65.04 -7.89 7.94
N LEU E 240 -65.33 -7.73 6.64
CA LEU E 240 -65.27 -6.42 6.01
C LEU E 240 -66.52 -6.14 5.19
N VAL E 241 -67.09 -4.95 5.36
CA VAL E 241 -68.31 -4.58 4.65
C VAL E 241 -68.07 -3.40 3.72
N TYR E 242 -68.35 -3.59 2.43
CA TYR E 242 -68.12 -2.50 1.49
C TYR E 242 -69.34 -2.10 0.67
N GLY E 243 -69.80 -0.88 0.91
CA GLY E 243 -70.94 -0.36 0.18
C GLY E 243 -70.57 0.95 -0.46
N ALA E 244 -71.15 1.25 -1.61
CA ALA E 244 -70.84 2.50 -2.29
C ALA E 244 -71.84 2.82 -3.40
N THR E 245 -72.19 4.10 -3.52
CA THR E 245 -73.14 4.56 -4.53
C THR E 245 -72.59 4.30 -5.92
N PRO E 246 -73.48 4.18 -6.92
CA PRO E 246 -73.06 3.94 -8.30
C PRO E 246 -72.47 5.19 -8.95
N PRO E 247 -71.63 5.01 -9.99
CA PRO E 247 -71.01 6.14 -10.68
C PRO E 247 -72.08 7.07 -11.26
N LEU E 248 -71.64 8.24 -11.75
CA LEU E 248 -72.56 9.21 -12.33
C LEU E 248 -73.36 8.59 -13.50
N GLY E 249 -72.75 7.60 -14.15
CA GLY E 249 -73.40 6.92 -15.26
C GLY E 249 -74.76 6.40 -14.85
N HIS E 250 -75.80 6.86 -15.54
CA HIS E 250 -77.18 6.48 -15.25
C HIS E 250 -77.60 5.15 -15.88
N THR E 251 -77.08 4.04 -15.36
CA THR E 251 -77.41 2.71 -15.87
C THR E 251 -78.79 2.31 -15.30
N CYS E 252 -78.88 2.22 -13.98
CA CYS E 252 -80.12 1.86 -13.29
C CYS E 252 -80.79 3.08 -12.66
N ASP E 253 -82.13 3.15 -12.77
CA ASP E 253 -82.89 4.26 -12.24
C ASP E 253 -83.50 4.00 -10.85
N ARG E 254 -82.72 4.30 -9.82
CA ARG E 254 -83.15 4.11 -8.43
C ARG E 254 -82.59 5.25 -7.58
N PRO E 255 -83.45 5.95 -6.83
CA PRO E 255 -83.07 7.07 -5.97
C PRO E 255 -81.70 6.96 -5.30
N PRO E 256 -81.14 8.11 -4.84
CA PRO E 256 -79.83 8.24 -4.18
C PRO E 256 -79.61 7.38 -2.92
N SER E 257 -79.88 7.97 -1.76
CA SER E 257 -79.69 7.31 -0.48
C SER E 257 -80.38 5.96 -0.35
N TRP E 258 -81.09 5.54 -1.38
CA TRP E 258 -81.76 4.24 -1.35
C TRP E 258 -80.72 3.21 -0.95
N TYR E 259 -79.57 3.30 -1.61
CA TYR E 259 -78.46 2.39 -1.36
C TYR E 259 -77.86 2.64 0.02
N LEU E 260 -77.85 3.90 0.44
CA LEU E 260 -77.31 4.26 1.74
C LEU E 260 -77.93 3.33 2.78
N PHE E 261 -79.26 3.40 2.87
CA PHE E 261 -80.03 2.60 3.82
C PHE E 261 -79.97 1.11 3.50
N GLN E 262 -80.35 0.73 2.28
CA GLN E 262 -80.30 -0.68 1.89
C GLN E 262 -79.02 -1.29 2.41
N PHE E 263 -78.00 -0.44 2.59
CA PHE E 263 -76.69 -0.87 3.09
C PHE E 263 -76.72 -0.86 4.62
N HIS E 264 -76.92 0.33 5.20
CA HIS E 264 -76.97 0.50 6.64
C HIS E 264 -77.89 -0.53 7.26
N ARG E 265 -78.59 -1.25 6.39
CA ARG E 265 -79.51 -2.29 6.80
C ARG E 265 -78.67 -3.56 6.96
N LEU E 266 -78.30 -4.15 5.83
CA LEU E 266 -77.51 -5.37 5.88
C LEU E 266 -76.20 -5.20 6.64
N LEU E 267 -75.92 -3.97 7.07
CA LEU E 267 -74.71 -3.71 7.84
C LEU E 267 -74.78 -4.45 9.17
N GLN E 268 -75.83 -4.17 9.94
CA GLN E 268 -76.03 -4.81 11.23
C GLN E 268 -76.36 -6.28 11.04
N TYR E 269 -76.97 -6.61 9.90
CA TYR E 269 -77.32 -7.99 9.60
C TYR E 269 -76.04 -8.79 9.38
N ALA E 270 -74.91 -8.10 9.43
CA ALA E 270 -73.62 -8.72 9.22
C ALA E 270 -72.79 -8.78 10.52
N ARG E 271 -72.74 -7.66 11.23
CA ARG E 271 -71.99 -7.51 12.47
C ARG E 271 -71.72 -8.79 13.27
N PRO E 272 -70.79 -8.74 14.23
CA PRO E 272 -70.41 -9.89 15.07
C PRO E 272 -71.35 -10.11 16.24
N LYS E 273 -71.55 -11.38 16.60
CA LYS E 273 -72.41 -11.73 17.73
C LYS E 273 -71.84 -11.07 18.98
N PRO E 274 -72.57 -10.10 19.56
CA PRO E 274 -72.21 -9.33 20.74
C PRO E 274 -70.99 -9.78 21.57
N GLY E 275 -69.91 -9.01 21.48
CA GLY E 275 -68.69 -9.29 22.22
C GLY E 275 -67.66 -10.19 21.55
N SER E 276 -67.80 -10.40 20.24
CA SER E 276 -66.87 -11.26 19.48
C SER E 276 -65.47 -10.62 19.50
N PRO E 277 -64.46 -11.31 18.92
CA PRO E 277 -63.09 -10.76 18.90
C PRO E 277 -62.99 -9.28 18.51
N GLY E 278 -62.86 -9.01 17.21
CA GLY E 278 -62.73 -7.63 16.75
C GLY E 278 -62.58 -7.43 15.25
N PRO E 279 -62.07 -8.42 14.51
CA PRO E 279 -61.92 -8.24 13.07
C PRO E 279 -63.19 -7.89 12.31
N PHE E 280 -63.69 -6.66 12.47
CA PHE E 280 -64.88 -6.24 11.74
C PHE E 280 -64.85 -4.79 11.21
N PHE E 281 -64.42 -4.66 9.95
CA PHE E 281 -64.33 -3.36 9.30
C PHE E 281 -65.39 -3.27 8.21
N TRP E 282 -65.83 -2.05 7.94
CA TRP E 282 -66.85 -1.78 6.94
C TRP E 282 -66.50 -0.44 6.31
N MET E 283 -66.97 -0.21 5.10
CA MET E 283 -66.69 1.06 4.45
C MET E 283 -67.76 1.40 3.43
N PHE E 284 -68.17 2.66 3.46
CA PHE E 284 -69.16 3.17 2.54
C PHE E 284 -68.58 4.31 1.76
N VAL E 285 -68.59 4.17 0.43
CA VAL E 285 -68.04 5.19 -0.46
C VAL E 285 -69.09 5.86 -1.32
N ASP E 286 -69.03 7.19 -1.34
CA ASP E 286 -69.97 7.99 -2.14
C ASP E 286 -69.29 8.40 -3.43
N ASN E 287 -70.03 9.06 -4.31
CA ASN E 287 -69.50 9.53 -5.59
C ASN E 287 -70.10 10.88 -5.98
N LEU E 288 -70.33 11.73 -4.96
CA LEU E 288 -70.88 13.06 -5.16
C LEU E 288 -72.32 13.05 -5.69
N VAL E 289 -73.12 12.07 -5.25
CA VAL E 289 -74.51 11.95 -5.68
C VAL E 289 -75.48 12.24 -4.52
N LEU E 290 -74.98 12.90 -3.48
CA LEU E 290 -75.77 13.26 -2.31
C LEU E 290 -75.71 14.76 -2.06
N ASN E 291 -76.81 15.47 -2.31
CA ASN E 291 -76.83 16.92 -2.06
C ASN E 291 -76.85 17.13 -0.55
N LYS E 292 -76.59 18.35 -0.10
CA LYS E 292 -76.54 18.67 1.33
C LYS E 292 -77.63 18.04 2.21
N GLU E 293 -78.62 17.41 1.58
CA GLU E 293 -79.69 16.77 2.33
C GLU E 293 -79.30 15.31 2.63
N ASP E 294 -79.32 14.46 1.61
CA ASP E 294 -78.97 13.05 1.77
C ASP E 294 -77.61 12.92 2.46
N LEU E 295 -76.87 14.03 2.49
CA LEU E 295 -75.55 14.05 3.12
C LEU E 295 -75.70 13.93 4.63
N ASP E 296 -76.29 14.95 5.26
CA ASP E 296 -76.47 14.93 6.71
C ASP E 296 -77.24 13.68 7.11
N VAL E 297 -77.70 12.94 6.10
CA VAL E 297 -78.44 11.71 6.31
C VAL E 297 -77.42 10.60 6.61
N ALA E 298 -76.73 10.13 5.57
CA ALA E 298 -75.74 9.08 5.73
C ALA E 298 -74.87 9.31 6.95
N SER E 299 -74.70 10.58 7.32
CA SER E 299 -73.89 10.93 8.47
C SER E 299 -74.51 10.42 9.77
N ARG E 300 -75.64 11.04 10.15
CA ARG E 300 -76.35 10.67 11.36
C ARG E 300 -76.57 9.17 11.52
N PHE E 301 -76.72 8.47 10.41
CA PHE E 301 -76.93 7.02 10.45
C PHE E 301 -75.64 6.23 10.61
N LEU E 302 -74.57 6.67 9.95
CA LEU E 302 -73.29 5.99 10.04
C LEU E 302 -72.42 6.58 11.16
N GLU E 303 -72.96 7.59 11.83
CA GLU E 303 -72.33 8.24 12.98
C GLU E 303 -71.00 8.98 12.84
N MET E 304 -70.34 8.87 11.69
CA MET E 304 -69.05 9.54 11.51
C MET E 304 -69.07 10.71 10.55
N GLU E 305 -68.37 11.78 10.93
CA GLU E 305 -68.26 12.99 10.13
C GLU E 305 -67.55 12.63 8.83
N PRO E 306 -68.26 12.65 7.71
CA PRO E 306 -67.76 12.32 6.37
C PRO E 306 -66.29 12.67 6.10
N VAL E 307 -65.69 11.93 5.16
CA VAL E 307 -64.29 12.14 4.78
C VAL E 307 -64.18 12.06 3.26
N THR E 308 -63.57 13.09 2.67
CA THR E 308 -63.42 13.15 1.22
C THR E 308 -61.98 13.14 0.70
N ILE E 309 -61.72 12.28 -0.29
CA ILE E 309 -60.39 12.16 -0.89
C ILE E 309 -60.47 12.52 -2.38
N PRO E 310 -59.64 13.48 -2.82
CA PRO E 310 -59.59 13.94 -4.20
C PRO E 310 -58.76 13.09 -5.18
N ASP E 311 -58.60 13.63 -6.39
CA ASP E 311 -57.82 13.00 -7.47
C ASP E 311 -57.14 14.12 -8.25
N VAL E 312 -56.25 14.85 -7.57
CA VAL E 312 -55.53 15.96 -8.18
C VAL E 312 -54.58 15.52 -9.30
N HIS E 313 -54.13 16.50 -10.08
CA HIS E 313 -53.22 16.26 -11.19
C HIS E 313 -52.30 17.47 -11.38
N GLY E 314 -51.47 17.73 -10.37
CA GLY E 314 -50.57 18.87 -10.42
C GLY E 314 -51.32 20.18 -10.30
N GLY E 315 -52.08 20.33 -9.22
CA GLY E 315 -52.86 21.55 -9.01
C GLY E 315 -54.27 21.47 -9.56
N SER E 316 -54.46 20.62 -10.58
CA SER E 316 -55.76 20.42 -11.24
C SER E 316 -56.65 19.41 -10.52
N LEU E 317 -57.93 19.40 -10.88
CA LEU E 317 -58.89 18.47 -10.26
C LEU E 317 -59.58 17.59 -11.31
N GLN E 318 -59.71 16.31 -10.98
CA GLN E 318 -60.34 15.35 -11.88
C GLN E 318 -61.55 14.64 -11.24
N ASN E 319 -61.27 13.55 -10.52
CA ASN E 319 -62.34 12.80 -9.85
C ASN E 319 -62.42 13.17 -8.37
N ALA E 320 -63.17 12.38 -7.61
CA ALA E 320 -63.33 12.62 -6.19
C ALA E 320 -64.14 11.48 -5.56
N VAL E 321 -64.02 11.33 -4.25
CA VAL E 321 -64.74 10.27 -3.53
C VAL E 321 -65.01 10.61 -2.06
N ARG E 322 -66.25 10.40 -1.63
CA ARG E 322 -66.68 10.64 -0.24
C ARG E 322 -66.77 9.27 0.43
N VAL E 323 -65.98 9.04 1.47
CA VAL E 323 -65.99 7.75 2.13
C VAL E 323 -66.35 7.75 3.61
N TRP E 324 -66.83 6.60 4.06
CA TRP E 324 -67.20 6.36 5.45
C TRP E 324 -66.71 4.97 5.83
N SER E 325 -65.93 4.90 6.89
CA SER E 325 -65.40 3.64 7.38
C SER E 325 -64.60 3.80 8.66
N ASN E 326 -64.43 2.69 9.36
CA ASN E 326 -63.70 2.68 10.63
C ASN E 326 -62.22 2.41 10.42
N ILE E 327 -61.90 1.63 9.39
CA ILE E 327 -60.52 1.27 9.06
C ILE E 327 -59.58 2.43 9.34
N PRO E 328 -58.59 2.22 10.22
CA PRO E 328 -57.63 3.28 10.56
C PRO E 328 -57.06 3.94 9.31
N ALA E 329 -56.40 5.08 9.48
CA ALA E 329 -55.80 5.78 8.35
C ALA E 329 -56.86 6.12 7.31
N ILE E 330 -57.85 6.89 7.73
CA ILE E 330 -58.93 7.30 6.84
C ILE E 330 -59.31 8.70 7.29
N ARG E 331 -58.64 9.17 8.34
CA ARG E 331 -58.89 10.51 8.89
C ARG E 331 -57.65 11.41 8.75
N SER E 332 -56.53 10.82 8.32
CA SER E 332 -55.29 11.55 8.14
C SER E 332 -55.20 12.05 6.71
N ARG E 333 -55.57 11.17 5.77
CA ARG E 333 -55.56 11.47 4.34
C ARG E 333 -56.66 12.45 3.96
N HIS E 334 -56.76 13.56 4.69
CA HIS E 334 -57.78 14.58 4.41
C HIS E 334 -57.11 15.87 3.92
N TRP E 335 -57.64 16.40 2.82
CA TRP E 335 -57.14 17.61 2.18
C TRP E 335 -58.10 18.79 2.36
N ALA E 336 -57.91 19.54 3.45
CA ALA E 336 -58.72 20.70 3.78
C ALA E 336 -58.49 21.82 2.76
N LEU E 337 -57.91 21.43 1.63
CA LEU E 337 -57.62 22.35 0.54
C LEU E 337 -58.76 22.24 -0.48
N VAL E 338 -59.60 21.23 -0.30
CA VAL E 338 -60.74 20.99 -1.20
C VAL E 338 -62.00 21.64 -0.62
N SER E 339 -62.43 22.73 -1.24
CA SER E 339 -63.62 23.47 -0.80
C SER E 339 -64.90 22.91 -1.42
N GLU E 340 -65.99 22.95 -0.66
CA GLU E 340 -67.28 22.43 -1.10
C GLU E 340 -67.72 22.90 -2.48
N GLU E 341 -67.77 24.22 -2.70
CA GLU E 341 -68.19 24.76 -3.98
C GLU E 341 -67.40 24.19 -5.17
N GLU E 342 -66.15 23.77 -4.92
CA GLU E 342 -65.31 23.21 -5.99
C GLU E 342 -65.77 21.79 -6.37
N LEU E 343 -66.45 21.12 -5.45
CA LEU E 343 -66.95 19.77 -5.68
C LEU E 343 -68.16 19.82 -6.60
N SER E 344 -68.95 20.87 -6.45
CA SER E 344 -70.15 21.05 -7.25
C SER E 344 -69.75 21.48 -8.67
N LEU E 345 -68.54 21.99 -8.81
CA LEU E 345 -68.02 22.43 -10.10
C LEU E 345 -67.54 21.22 -10.91
N LEU E 346 -67.55 20.07 -10.27
CA LEU E 346 -67.12 18.83 -10.91
C LEU E 346 -68.30 17.97 -11.35
N ALA E 347 -69.35 17.96 -10.54
CA ALA E 347 -70.56 17.20 -10.84
C ALA E 347 -71.31 17.85 -12.00
N GLN E 348 -70.86 19.03 -12.39
CA GLN E 348 -71.46 19.79 -13.49
C GLN E 348 -70.91 19.30 -14.83
N ASN E 349 -69.59 19.14 -14.91
CA ASN E 349 -68.92 18.69 -16.12
C ASN E 349 -68.94 17.17 -16.25
N LYS E 350 -69.43 16.51 -15.21
CA LYS E 350 -69.55 15.06 -15.17
C LYS E 350 -70.81 14.62 -15.92
N GLN E 351 -71.94 15.23 -15.55
CA GLN E 351 -73.24 14.92 -16.14
C GLN E 351 -73.43 15.53 -17.52
N SER E 352 -72.47 16.34 -17.96
CA SER E 352 -72.56 17.00 -19.26
C SER E 352 -71.66 16.36 -20.32
N SER E 353 -71.16 15.16 -20.04
CA SER E 353 -70.29 14.45 -20.97
C SER E 353 -70.66 12.96 -21.08
N LYS E 354 -70.20 12.33 -22.16
CA LYS E 354 -70.45 10.91 -22.40
C LYS E 354 -69.55 10.04 -21.52
N LEU E 355 -69.76 10.14 -20.20
CA LEU E 355 -68.96 9.38 -19.26
C LEU E 355 -69.53 7.98 -19.01
N ALA E 356 -68.63 7.00 -19.03
CA ALA E 356 -69.00 5.60 -18.80
C ALA E 356 -69.21 5.38 -17.30
N ALA E 357 -69.29 4.11 -16.90
CA ALA E 357 -69.51 3.77 -15.51
C ALA E 357 -68.25 3.28 -14.81
N LYS E 358 -67.08 3.52 -15.41
CA LYS E 358 -65.84 3.08 -14.79
C LYS E 358 -65.86 3.68 -13.38
N TRP E 359 -65.56 2.86 -12.38
CA TRP E 359 -65.60 3.32 -11.01
C TRP E 359 -64.22 3.69 -10.47
N PRO E 360 -64.10 4.86 -9.81
CA PRO E 360 -62.88 5.42 -9.21
C PRO E 360 -62.26 4.50 -8.16
N THR E 361 -61.52 3.50 -8.62
CA THR E 361 -60.88 2.53 -7.75
C THR E 361 -59.64 3.08 -7.06
N LYS E 362 -58.64 3.37 -7.88
CA LYS E 362 -57.34 3.88 -7.43
C LYS E 362 -57.39 5.04 -6.43
N LEU E 363 -58.60 5.42 -6.02
CA LEU E 363 -58.76 6.50 -5.06
C LEU E 363 -58.79 5.94 -3.64
N VAL E 364 -59.33 4.73 -3.50
CA VAL E 364 -59.46 4.11 -2.18
C VAL E 364 -58.73 2.78 -2.03
N LYS E 365 -58.55 2.06 -3.13
CA LYS E 365 -57.87 0.76 -3.11
C LYS E 365 -56.57 0.84 -2.31
N ASN E 366 -55.99 2.04 -2.24
CA ASN E 366 -54.75 2.26 -1.51
C ASN E 366 -55.05 2.55 -0.04
N CYS E 367 -56.29 2.33 0.37
CA CYS E 367 -56.70 2.57 1.75
C CYS E 367 -57.02 1.24 2.42
N PHE E 368 -57.43 0.25 1.61
CA PHE E 368 -57.72 -1.07 2.13
C PHE E 368 -56.43 -1.74 2.58
N LEU E 369 -55.35 -0.95 2.61
CA LEU E 369 -54.05 -1.48 2.99
C LEU E 369 -53.92 -1.81 4.46
N PRO E 370 -54.02 -0.80 5.35
CA PRO E 370 -53.89 -1.05 6.79
C PRO E 370 -54.47 -2.38 7.22
N LEU E 371 -55.49 -2.85 6.49
CA LEU E 371 -56.11 -4.11 6.80
C LEU E 371 -55.15 -5.25 6.48
N ARG E 372 -53.95 -4.90 6.04
CA ARG E 372 -52.91 -5.89 5.74
C ARG E 372 -52.39 -6.30 7.10
N GLU E 373 -52.61 -5.44 8.09
CA GLU E 373 -52.16 -5.68 9.44
C GLU E 373 -53.13 -6.56 10.23
N TYR E 374 -54.23 -6.98 9.59
CA TYR E 374 -55.23 -7.81 10.27
C TYR E 374 -55.53 -9.16 9.61
N PHE E 375 -55.56 -9.20 8.28
CA PHE E 375 -55.85 -10.44 7.57
C PHE E 375 -54.61 -10.97 6.83
N LYS E 376 -54.62 -12.28 6.56
CA LYS E 376 -53.54 -12.97 5.88
C LYS E 376 -53.18 -12.31 4.54
N TYR E 377 -51.90 -12.35 4.18
CA TYR E 377 -51.43 -11.79 2.90
C TYR E 377 -51.06 -12.91 1.93
N PHE E 378 -51.55 -12.81 0.70
CA PHE E 378 -51.29 -13.81 -0.33
C PHE E 378 -50.31 -13.30 -1.39
N SER E 379 -49.26 -14.08 -1.67
CA SER E 379 -48.24 -13.70 -2.65
C SER E 379 -48.76 -13.64 -4.09
N THR E 380 -48.45 -12.52 -4.76
CA THR E 380 -48.86 -12.29 -6.14
C THR E 380 -47.88 -12.96 -7.11
N ALA F 1 -32.13 -7.24 2.24
CA ALA F 1 -32.68 -5.98 2.73
C ALA F 1 -32.82 -5.01 1.58
N ARG F 2 -34.01 -4.45 1.40
CA ARG F 2 -34.24 -3.48 0.34
C ARG F 2 -34.45 -2.13 0.98
N THR F 3 -34.90 -1.17 0.18
CA THR F 3 -35.13 0.17 0.70
C THR F 3 -36.18 0.91 -0.08
N LYS F 4 -36.51 2.11 0.41
CA LYS F 4 -37.51 2.95 -0.25
C LYS F 4 -37.58 4.30 0.46
N GLN F 5 -38.25 5.25 -0.19
CA GLN F 5 -38.43 6.60 0.34
C GLN F 5 -39.75 7.15 -0.21
N THR F 6 -40.37 8.05 0.54
CA THR F 6 -41.62 8.65 0.10
C THR F 6 -41.85 9.98 0.82
N ALA F 7 -42.53 10.90 0.15
CA ALA F 7 -42.83 12.22 0.71
C ALA F 7 -44.30 12.59 0.54
ZN ZN G . 62.66 17.82 -16.93
ZN ZN H . 59.42 17.99 -2.54
ZN ZN I . 56.04 19.69 -25.72
ZN ZN J . -12.16 0.24 10.75
ZN ZN K . -9.38 5.68 -2.11
ZN ZN L . -6.76 1.48 21.11
ZN ZN M . -35.76 4.55 13.11
ZN ZN N . -41.05 -7.19 10.31
ZN ZN O . -38.18 13.93 20.69
#